data_6GCL
#
_entry.id   6GCL
#
_cell.length_a   74.870
_cell.length_b   91.060
_cell.length_c   83.080
_cell.angle_alpha   90.00
_cell.angle_beta   115.92
_cell.angle_gamma   90.00
#
_symmetry.space_group_name_H-M   'P 1 21 1'
#
loop_
_entity.id
_entity.type
_entity.pdbx_description
1 polymer 'Pteridine reductase'
2 polymer 'Pteridine reductase'
3 non-polymer 'NADP NICOTINAMIDE-ADENINE-DINUCLEOTIDE PHOSPHATE'
4 non-polymer 6-methylsulfonyl-1,3-benzothiazol-2-amine
5 water water
#
loop_
_entity_poly.entity_id
_entity_poly.type
_entity_poly.pdbx_seq_one_letter_code
_entity_poly.pdbx_strand_id
1 'polypeptide(L)'
;MGSSHHHHHHSSGLVPRGSHMEAPAAVVTGAAKRIGRAIAVKLHQTGYRVVIHYHNSAEAAVSLADELNKERSNTAVVCQ
ADLTNSNVLPASCEEIINSCFRAFGRCDVLVNNASAFYPTPLVQGDHEDNSNGKTVETQVAELIGTNAIAPFLLTMSFAQ
RQKGTNPNCTSSNLSIVNLCDAMVDQPCMAFSLYNMGKHALVGLTQSAALELAPYGIRVNGVAPGVSLLPVAMGEEEKDK
WRRKVPLGRREASAEQIADAVIFLVSGSAQYITGSIIKVDGGLSLVHA
;
A,B,D
2 'polypeptide(L)'
;MGSSHHHHHHSSGLVPRGSHMEAPAAVVTGAAKRIGRAIAVKLHQTGYRVVIHYHNSAEAAVSLADELNKERSNTAVV
(OCS)QADLTNSNVLPASCEEIINSCFRAFGRCDVLVNNASAFYPTPLVQGDHEDNSNGKTVETQVAELIGTNAIAPFLL
TMSFAQRQKGTNPNCTSSNLSIVNLCDAMVDQPCMAFSLYNMGKHALVGLTQSAALELAPYGIRVNGVAPGVSLLPVAMG
EEEKDKWRRKVPLGRREASAEQIADAVIFLVSGSAQYITGSIIKVDGGLSLVHA
;
C
#
loop_
_chem_comp.id
_chem_comp.type
_chem_comp.name
_chem_comp.formula
EUE non-polymer 6-methylsulfonyl-1,3-benzothiazol-2-amine 'C8 H8 N2 O2 S2'
NAP non-polymer 'NADP NICOTINAMIDE-ADENINE-DINUCLEOTIDE PHOSPHATE' 'C21 H28 N7 O17 P3'
#
# COMPACT_ATOMS: atom_id res chain seq x y z
N GLU A 22 -17.86 -27.93 24.79
CA GLU A 22 -17.33 -28.28 23.45
C GLU A 22 -17.59 -27.15 22.45
N ALA A 23 -18.64 -26.35 22.70
CA ALA A 23 -18.91 -25.08 22.01
C ALA A 23 -17.75 -24.06 22.24
N PRO A 24 -17.28 -23.42 21.15
CA PRO A 24 -16.12 -22.53 21.32
C PRO A 24 -16.56 -21.19 21.93
N ALA A 25 -15.54 -20.41 22.34
CA ALA A 25 -15.80 -19.15 23.03
C ALA A 25 -14.93 -18.04 22.48
N ALA A 26 -15.54 -16.87 22.45
CA ALA A 26 -15.00 -15.65 21.89
C ALA A 26 -15.12 -14.51 22.91
N VAL A 27 -14.09 -13.65 22.93
CA VAL A 27 -14.12 -12.33 23.59
C VAL A 27 -14.38 -11.27 22.54
N VAL A 28 -15.33 -10.37 22.81
CA VAL A 28 -15.56 -9.24 21.91
C VAL A 28 -15.51 -7.99 22.75
N THR A 29 -14.63 -7.01 22.37
CA THR A 29 -14.53 -5.85 23.18
C THR A 29 -15.59 -4.82 22.69
N GLY A 30 -16.05 -3.93 23.57
CA GLY A 30 -17.00 -2.89 23.15
C GLY A 30 -18.23 -3.52 22.53
N ALA A 31 -18.63 -4.66 23.11
CA ALA A 31 -19.67 -5.52 22.57
C ALA A 31 -21.13 -5.11 22.94
N ALA A 32 -21.34 -4.00 23.66
CA ALA A 32 -22.70 -3.68 24.16
C ALA A 32 -23.60 -3.04 23.13
N LYS A 33 -23.02 -2.21 22.28
CA LYS A 33 -23.76 -1.47 21.29
C LYS A 33 -23.20 -1.75 19.86
N ARG A 34 -23.99 -1.38 18.85
CA ARG A 34 -23.54 -1.20 17.48
C ARG A 34 -22.75 -2.40 16.90
N ILE A 35 -21.54 -2.14 16.38
CA ILE A 35 -20.81 -3.17 15.63
C ILE A 35 -20.37 -4.36 16.52
N GLY A 36 -19.83 -4.08 17.72
CA GLY A 36 -19.40 -5.17 18.63
C GLY A 36 -20.57 -6.06 19.06
N ARG A 37 -21.75 -5.44 19.22
CA ARG A 37 -23.00 -6.16 19.51
C ARG A 37 -23.37 -7.02 18.35
N ALA A 38 -23.36 -6.44 17.15
CA ALA A 38 -23.67 -7.27 15.95
C ALA A 38 -22.69 -8.42 15.84
N ILE A 39 -21.42 -8.19 16.16
CA ILE A 39 -20.42 -9.27 16.12
C ILE A 39 -20.68 -10.37 17.16
N ALA A 40 -21.04 -9.98 18.42
CA ALA A 40 -21.31 -10.98 19.49
C ALA A 40 -22.56 -11.77 19.14
N VAL A 41 -23.61 -11.06 18.68
CA VAL A 41 -24.89 -11.70 18.29
C VAL A 41 -24.66 -12.72 17.19
N LYS A 42 -23.87 -12.31 16.19
CA LYS A 42 -23.58 -13.20 15.06
C LYS A 42 -22.66 -14.36 15.45
N LEU A 43 -21.68 -14.13 16.31
CA LEU A 43 -20.83 -15.25 16.77
C LEU A 43 -21.66 -16.21 17.65
N HIS A 44 -22.67 -15.64 18.31
CA HIS A 44 -23.56 -16.42 19.15
C HIS A 44 -24.49 -17.31 18.26
N GLN A 45 -25.26 -16.68 17.35
CA GLN A 45 -26.04 -17.41 16.32
C GLN A 45 -25.25 -18.52 15.63
N THR A 46 -23.92 -18.40 15.59
CA THR A 46 -22.99 -19.36 14.96
C THR A 46 -22.59 -20.48 15.92
N GLY A 47 -23.01 -20.40 17.19
CA GLY A 47 -22.64 -21.41 18.21
C GLY A 47 -21.48 -21.11 19.17
N TYR A 48 -21.11 -19.83 19.27
CA TYR A 48 -20.08 -19.42 20.24
C TYR A 48 -20.72 -18.98 21.51
N ARG A 49 -20.08 -19.35 22.60
CA ARG A 49 -20.26 -18.63 23.90
C ARG A 49 -19.36 -17.36 23.90
N VAL A 50 -19.94 -16.22 24.29
CA VAL A 50 -19.36 -14.88 24.18
C VAL A 50 -19.19 -14.15 25.53
N VAL A 51 -18.05 -13.46 25.70
CA VAL A 51 -17.81 -12.47 26.74
C VAL A 51 -18.20 -11.13 26.13
N ILE A 52 -19.23 -10.49 26.63
CA ILE A 52 -19.56 -9.14 26.18
C ILE A 52 -18.74 -8.14 27.04
N HIS A 53 -17.63 -7.62 26.49
CA HIS A 53 -16.88 -6.60 27.20
C HIS A 53 -17.59 -5.28 27.01
N TYR A 54 -17.58 -4.44 28.03
CA TYR A 54 -18.20 -3.09 27.94
C TYR A 54 -17.42 -2.18 28.85
N HIS A 55 -17.63 -0.89 28.67
CA HIS A 55 -16.96 0.01 29.54
C HIS A 55 -18.02 0.78 30.35
N ASN A 56 -18.74 1.70 29.70
CA ASN A 56 -19.80 2.50 30.32
C ASN A 56 -21.22 2.00 30.09
N SER A 57 -21.41 1.17 29.07
CA SER A 57 -22.72 0.63 28.75
C SER A 57 -23.08 -0.63 29.52
N ALA A 58 -23.21 -0.41 30.83
CA ALA A 58 -23.64 -1.40 31.82
C ALA A 58 -25.02 -2.05 31.50
N GLU A 59 -26.05 -1.21 31.33
CA GLU A 59 -27.40 -1.67 31.00
C GLU A 59 -27.42 -2.45 29.70
N ALA A 60 -26.89 -1.83 28.63
CA ALA A 60 -26.86 -2.44 27.28
C ALA A 60 -26.13 -3.79 27.25
N ALA A 61 -25.05 -3.91 28.00
CA ALA A 61 -24.30 -5.16 28.11
C ALA A 61 -25.10 -6.30 28.72
N VAL A 62 -25.77 -5.99 29.85
CA VAL A 62 -26.52 -7.02 30.64
C VAL A 62 -27.76 -7.43 29.85
N SER A 63 -28.43 -6.42 29.29
CA SER A 63 -29.60 -6.64 28.40
C SER A 63 -29.25 -7.64 27.29
N LEU A 64 -28.17 -7.37 26.54
CA LEU A 64 -27.70 -8.29 25.50
C LEU A 64 -27.29 -9.68 26.02
N ALA A 65 -26.55 -9.75 27.14
CA ALA A 65 -26.20 -11.06 27.70
C ALA A 65 -27.42 -11.92 28.12
N ASP A 66 -28.48 -11.24 28.59
CA ASP A 66 -29.74 -11.89 28.99
C ASP A 66 -30.46 -12.44 27.78
N GLU A 67 -30.73 -11.57 26.79
CA GLU A 67 -31.34 -11.99 25.49
C GLU A 67 -30.60 -13.15 24.83
N LEU A 68 -29.27 -13.20 25.00
CA LEU A 68 -28.49 -14.27 24.43
C LEU A 68 -28.64 -15.47 25.30
N ASN A 69 -28.74 -15.24 26.61
CA ASN A 69 -28.78 -16.37 27.55
C ASN A 69 -30.12 -17.12 27.52
N LYS A 70 -31.22 -16.37 27.29
CA LYS A 70 -32.58 -16.93 26.98
C LYS A 70 -32.70 -17.59 25.60
N GLU A 71 -31.59 -17.70 24.86
CA GLU A 71 -31.56 -18.46 23.62
C GLU A 71 -30.91 -19.81 23.89
N ARG A 72 -29.72 -19.78 24.46
CA ARG A 72 -29.09 -20.94 25.01
C ARG A 72 -28.56 -20.38 26.31
N SER A 73 -28.89 -21.04 27.40
CA SER A 73 -28.48 -20.61 28.73
C SER A 73 -27.01 -20.93 28.96
N ASN A 74 -26.37 -20.11 29.80
CA ASN A 74 -24.95 -20.22 30.20
C ASN A 74 -24.03 -20.05 28.97
N THR A 75 -24.44 -19.12 28.10
CA THR A 75 -23.63 -18.82 26.90
C THR A 75 -23.01 -17.41 26.84
N ALA A 76 -23.67 -16.41 27.44
CA ALA A 76 -23.22 -15.03 27.49
C ALA A 76 -22.86 -14.52 28.91
N VAL A 77 -21.57 -14.19 29.15
CA VAL A 77 -21.11 -13.37 30.31
C VAL A 77 -20.78 -11.92 29.91
N VAL A 78 -20.83 -11.01 30.87
CA VAL A 78 -20.31 -9.67 30.70
C VAL A 78 -18.95 -9.57 31.43
N CYS A 79 -18.16 -8.52 31.08
CA CYS A 79 -16.86 -8.16 31.71
C CYS A 79 -16.62 -6.68 31.52
N GLN A 80 -16.58 -5.94 32.63
CA GLN A 80 -16.35 -4.50 32.60
C GLN A 80 -14.85 -4.25 32.59
N ALA A 81 -14.39 -3.33 31.72
CA ALA A 81 -13.04 -2.81 31.77
C ALA A 81 -12.94 -1.49 31.04
N ASP A 82 -12.06 -0.62 31.57
CA ASP A 82 -11.74 0.66 30.96
C ASP A 82 -10.47 0.35 30.19
N LEU A 83 -10.52 0.50 28.87
CA LEU A 83 -9.39 0.15 28.02
C LEU A 83 -8.49 1.31 27.65
N THR A 84 -8.60 2.42 28.40
CA THR A 84 -7.66 3.54 28.32
C THR A 84 -6.24 3.05 28.69
N ASN A 85 -5.18 3.53 28.03
CA ASN A 85 -3.82 3.16 28.48
C ASN A 85 -3.49 3.69 29.94
N SER A 86 -2.85 2.84 30.75
CA SER A 86 -2.45 3.18 32.13
C SER A 86 -1.61 2.02 32.65
N ASN A 87 -1.08 2.16 33.87
CA ASN A 87 -0.21 1.12 34.39
C ASN A 87 -1.02 -0.12 34.83
N VAL A 88 -2.33 0.01 34.90
CA VAL A 88 -3.19 -1.15 35.15
C VAL A 88 -3.82 -1.77 33.86
N LEU A 89 -3.55 -1.21 32.70
CA LEU A 89 -4.14 -1.74 31.46
C LEU A 89 -3.73 -3.20 31.23
N PRO A 90 -2.45 -3.55 31.47
CA PRO A 90 -2.14 -4.99 31.29
C PRO A 90 -3.00 -5.87 32.16
N ALA A 91 -3.16 -5.52 33.42
CA ALA A 91 -4.05 -6.31 34.28
C ALA A 91 -5.49 -6.37 33.78
N SER A 92 -6.10 -5.24 33.39
CA SER A 92 -7.45 -5.33 32.85
C SER A 92 -7.57 -6.27 31.60
N CYS A 93 -6.59 -6.19 30.69
CA CYS A 93 -6.58 -7.04 29.49
C CYS A 93 -6.43 -8.53 29.89
N GLU A 94 -5.46 -8.80 30.77
CA GLU A 94 -5.31 -10.11 31.35
C GLU A 94 -6.65 -10.64 31.97
N GLU A 95 -7.42 -9.74 32.60
CA GLU A 95 -8.68 -10.11 33.22
C GLU A 95 -9.79 -10.39 32.25
N ILE A 96 -9.88 -9.63 31.16
CA ILE A 96 -10.84 -9.91 30.05
C ILE A 96 -10.62 -11.33 29.53
N ILE A 97 -9.39 -11.66 29.22
CA ILE A 97 -9.10 -12.99 28.76
C ILE A 97 -9.50 -13.97 29.86
N ASN A 98 -9.04 -13.73 31.10
CA ASN A 98 -9.38 -14.65 32.23
C ASN A 98 -10.88 -14.86 32.40
N SER A 99 -11.69 -13.81 32.26
CA SER A 99 -13.14 -13.94 32.27
C SER A 99 -13.59 -15.09 31.36
N CYS A 100 -12.96 -15.20 30.18
CA CYS A 100 -13.44 -16.13 29.18
C CYS A 100 -13.11 -17.55 29.62
N PHE A 101 -11.87 -17.80 30.02
CA PHE A 101 -11.51 -19.10 30.58
C PHE A 101 -12.30 -19.47 31.88
N ARG A 102 -12.67 -18.48 32.66
CA ARG A 102 -13.37 -18.78 33.90
C ARG A 102 -14.78 -19.22 33.59
N ALA A 103 -15.48 -18.42 32.79
CA ALA A 103 -16.82 -18.77 32.39
C ALA A 103 -16.88 -20.02 31.50
N PHE A 104 -15.89 -20.27 30.64
CA PHE A 104 -16.10 -21.25 29.54
C PHE A 104 -14.98 -22.27 29.38
N GLY A 105 -13.90 -22.20 30.16
CA GLY A 105 -12.83 -23.22 29.99
C GLY A 105 -11.90 -23.04 28.79
N ARG A 106 -12.16 -22.00 27.99
CA ARG A 106 -11.44 -21.85 26.72
C ARG A 106 -11.54 -20.43 26.21
N CYS A 107 -10.60 -20.07 25.32
CA CYS A 107 -10.67 -18.81 24.54
C CYS A 107 -10.21 -19.10 23.13
N ASP A 108 -11.19 -19.15 22.24
CA ASP A 108 -10.95 -19.48 20.83
C ASP A 108 -10.75 -18.22 19.95
N VAL A 109 -11.59 -17.19 20.16
CA VAL A 109 -11.57 -15.98 19.31
C VAL A 109 -11.45 -14.71 20.19
N LEU A 110 -10.72 -13.72 19.68
CA LEU A 110 -10.66 -12.39 20.28
C LEU A 110 -10.98 -11.42 19.15
N VAL A 111 -12.01 -10.60 19.34
CA VAL A 111 -12.32 -9.55 18.41
C VAL A 111 -12.02 -8.24 19.14
N ASN A 112 -10.97 -7.54 18.68
CA ASN A 112 -10.68 -6.20 19.13
C ASN A 112 -11.55 -5.18 18.42
N ASN A 113 -12.67 -4.85 19.04
CA ASN A 113 -13.68 -3.92 18.47
C ASN A 113 -13.70 -2.59 19.18
N ALA A 114 -13.51 -2.59 20.51
CA ALA A 114 -13.61 -1.34 21.26
C ALA A 114 -12.72 -0.26 20.68
N SER A 115 -13.23 0.98 20.65
CA SER A 115 -12.51 2.07 20.10
C SER A 115 -13.04 3.48 20.52
N ALA A 116 -12.13 4.38 20.91
CA ALA A 116 -12.40 5.80 21.10
C ALA A 116 -12.12 6.51 19.77
N PHE A 117 -12.94 7.52 19.46
CA PHE A 117 -12.92 8.21 18.19
C PHE A 117 -13.34 9.67 18.42
N TYR A 118 -12.41 10.62 18.26
CA TYR A 118 -12.71 12.04 18.37
C TYR A 118 -11.52 12.86 17.83
N PRO A 119 -11.78 14.11 17.37
CA PRO A 119 -10.67 14.89 16.79
C PRO A 119 -9.60 15.30 17.81
N THR A 120 -8.34 15.37 17.38
CA THR A 120 -7.25 15.90 18.19
C THR A 120 -6.48 16.86 17.27
N PRO A 121 -7.00 18.11 17.07
CA PRO A 121 -6.38 19.11 16.12
C PRO A 121 -4.90 19.38 16.49
N LEU A 122 -4.06 19.59 15.49
CA LEU A 122 -2.62 19.78 15.78
C LEU A 122 -2.34 21.25 16.12
N VAL A 123 -3.18 22.12 15.58
CA VAL A 123 -3.10 23.59 15.78
C VAL A 123 -4.40 23.87 16.49
N GLN A 124 -4.31 24.17 17.79
CA GLN A 124 -5.47 24.30 18.68
C GLN A 124 -5.56 25.72 19.22
N GLY A 133 -12.99 17.96 26.48
CA GLY A 133 -12.04 18.91 27.09
C GLY A 133 -10.93 18.24 27.91
N LYS A 134 -10.13 17.42 27.25
CA LYS A 134 -9.21 16.48 27.88
C LYS A 134 -7.77 16.92 27.71
N THR A 135 -6.89 16.52 28.62
CA THR A 135 -5.47 16.80 28.46
C THR A 135 -4.94 15.94 27.28
N VAL A 136 -3.91 16.44 26.61
CA VAL A 136 -3.24 15.67 25.58
C VAL A 136 -2.86 14.24 26.05
N GLU A 137 -2.36 14.09 27.26
CA GLU A 137 -1.98 12.77 27.71
C GLU A 137 -3.18 11.83 27.94
N THR A 138 -4.34 12.40 28.25
CA THR A 138 -5.59 11.62 28.26
C THR A 138 -6.01 11.23 26.84
N GLN A 139 -5.75 12.10 25.87
CA GLN A 139 -6.12 11.79 24.50
C GLN A 139 -5.25 10.65 23.97
N VAL A 140 -3.94 10.74 24.22
CA VAL A 140 -3.02 9.67 23.87
C VAL A 140 -3.53 8.40 24.48
N ALA A 141 -3.83 8.45 25.77
CA ALA A 141 -4.26 7.28 26.51
C ALA A 141 -5.54 6.62 26.04
N GLU A 142 -6.54 7.40 25.65
CA GLU A 142 -7.76 6.78 25.16
C GLU A 142 -7.64 6.40 23.68
N LEU A 143 -7.06 7.27 22.84
CA LEU A 143 -7.04 6.96 21.41
C LEU A 143 -6.00 5.89 21.03
N ILE A 144 -4.80 5.94 21.61
CA ILE A 144 -3.78 4.95 21.36
C ILE A 144 -4.05 3.79 22.28
N GLY A 145 -4.58 4.05 23.48
CA GLY A 145 -4.87 2.96 24.45
C GLY A 145 -5.92 2.00 23.93
N THR A 146 -7.07 2.54 23.55
CA THR A 146 -8.14 1.68 23.14
C THR A 146 -7.91 1.06 21.79
N ASN A 147 -7.35 1.84 20.87
CA ASN A 147 -7.23 1.41 19.51
C ASN A 147 -5.99 0.55 19.22
N ALA A 148 -4.99 0.52 20.12
CA ALA A 148 -3.74 -0.16 19.78
C ALA A 148 -3.12 -0.92 20.93
N ILE A 149 -2.95 -0.25 22.08
CA ILE A 149 -2.21 -0.87 23.19
C ILE A 149 -3.08 -1.96 23.81
N ALA A 150 -4.35 -1.64 24.04
CA ALA A 150 -5.23 -2.72 24.59
C ALA A 150 -5.27 -3.94 23.64
N PRO A 151 -5.49 -3.72 22.29
CA PRO A 151 -5.37 -4.89 21.40
C PRO A 151 -4.01 -5.63 21.51
N PHE A 152 -2.91 -4.94 21.71
CA PHE A 152 -1.57 -5.64 21.85
C PHE A 152 -1.54 -6.44 23.15
N LEU A 153 -2.03 -5.85 24.22
CA LEU A 153 -2.02 -6.57 25.53
C LEU A 153 -2.99 -7.72 25.53
N LEU A 154 -4.21 -7.46 25.02
CA LEU A 154 -5.19 -8.55 24.87
C LEU A 154 -4.65 -9.72 24.06
N THR A 155 -3.92 -9.40 22.97
CA THR A 155 -3.29 -10.37 22.08
C THR A 155 -2.25 -11.18 22.84
N MET A 156 -1.38 -10.49 23.60
CA MET A 156 -0.34 -11.13 24.44
C MET A 156 -1.03 -12.10 25.42
N SER A 157 -2.08 -11.65 26.11
CA SER A 157 -2.73 -12.54 27.10
C SER A 157 -3.44 -13.70 26.43
N PHE A 158 -4.07 -13.47 25.27
CA PHE A 158 -4.77 -14.51 24.53
C PHE A 158 -3.76 -15.58 24.13
N ALA A 159 -2.60 -15.16 23.63
CA ALA A 159 -1.59 -16.09 23.17
C ALA A 159 -0.97 -16.87 24.35
N GLN A 160 -0.50 -16.16 25.37
CA GLN A 160 0.00 -16.74 26.63
C GLN A 160 -0.95 -17.76 27.29
N ARG A 161 -2.24 -17.43 27.32
CA ARG A 161 -3.25 -18.31 27.89
C ARG A 161 -3.42 -19.67 27.20
N GLN A 162 -3.13 -19.75 25.90
CA GLN A 162 -3.30 -21.03 25.19
C GLN A 162 -2.12 -21.88 25.65
N SER A 172 -8.69 -27.16 17.09
CA SER A 172 -8.56 -25.74 17.37
C SER A 172 -8.56 -24.89 16.08
N ASN A 173 -9.44 -23.90 16.06
CA ASN A 173 -9.36 -22.85 15.10
C ASN A 173 -9.21 -21.52 15.90
N LEU A 174 -7.99 -21.27 16.38
CA LEU A 174 -7.71 -19.98 17.14
C LEU A 174 -7.44 -18.80 16.21
N SER A 175 -8.20 -17.71 16.39
CA SER A 175 -7.91 -16.49 15.62
C SER A 175 -8.28 -15.20 16.35
N ILE A 176 -7.68 -14.10 15.88
CA ILE A 176 -7.93 -12.76 16.37
C ILE A 176 -8.38 -11.95 15.17
N VAL A 177 -9.35 -11.08 15.41
CA VAL A 177 -9.81 -10.18 14.37
C VAL A 177 -9.75 -8.80 14.96
N ASN A 178 -9.01 -7.88 14.29
CA ASN A 178 -8.88 -6.51 14.76
C ASN A 178 -9.76 -5.62 13.89
N LEU A 179 -10.60 -4.79 14.49
CA LEU A 179 -11.42 -3.87 13.71
C LEU A 179 -10.59 -2.66 13.35
N CYS A 180 -10.19 -2.59 12.08
CA CYS A 180 -9.27 -1.58 11.53
C CYS A 180 -10.14 -0.45 10.91
N ASP A 181 -9.63 0.29 9.94
CA ASP A 181 -10.33 1.43 9.37
C ASP A 181 -9.93 1.51 7.91
N ALA A 182 -10.91 1.43 6.98
CA ALA A 182 -10.63 1.43 5.51
C ALA A 182 -10.04 2.74 5.04
N MET A 183 -10.28 3.77 5.84
CA MET A 183 -9.87 5.11 5.46
C MET A 183 -8.54 5.52 6.14
N VAL A 184 -7.74 4.55 6.55
CA VAL A 184 -6.57 4.80 7.37
C VAL A 184 -5.51 5.61 6.60
N ASP A 185 -5.40 5.37 5.30
CA ASP A 185 -4.48 6.17 4.45
C ASP A 185 -5.11 7.45 3.82
N GLN A 186 -6.39 7.72 4.08
CA GLN A 186 -7.01 9.02 3.68
C GLN A 186 -7.75 9.60 4.88
N PRO A 187 -7.00 10.05 5.87
CA PRO A 187 -7.63 10.36 7.15
C PRO A 187 -8.47 11.63 7.11
N CYS A 188 -9.50 11.70 7.95
CA CYS A 188 -10.21 12.96 8.22
C CYS A 188 -9.27 13.98 8.87
N MET A 189 -9.40 15.22 8.44
CA MET A 189 -8.72 16.39 9.01
C MET A 189 -8.85 16.37 10.55
N ALA A 190 -7.74 16.54 11.26
CA ALA A 190 -7.76 16.77 12.71
C ALA A 190 -7.91 15.49 13.57
N PHE A 191 -7.81 14.34 12.94
CA PHE A 191 -7.93 13.06 13.67
C PHE A 191 -6.60 12.33 13.79
N SER A 192 -5.50 13.08 13.97
CA SER A 192 -4.18 12.44 13.87
C SER A 192 -3.96 11.29 14.85
N LEU A 193 -4.37 11.45 16.11
CA LEU A 193 -4.14 10.44 17.17
C LEU A 193 -4.97 9.19 16.96
N TYR A 194 -6.23 9.39 16.59
CA TYR A 194 -7.07 8.29 16.16
C TYR A 194 -6.45 7.52 14.95
N ASN A 195 -6.06 8.26 13.90
CA ASN A 195 -5.49 7.63 12.71
C ASN A 195 -4.16 6.86 13.03
N MET A 196 -3.37 7.47 13.92
CA MET A 196 -2.18 6.87 14.49
C MET A 196 -2.49 5.55 15.17
N GLY A 197 -3.56 5.50 15.96
CA GLY A 197 -3.95 4.27 16.67
C GLY A 197 -4.34 3.17 15.68
N LYS A 198 -5.08 3.54 14.64
CA LYS A 198 -5.56 2.54 13.70
C LYS A 198 -4.42 2.02 12.84
N HIS A 199 -3.46 2.90 12.58
CA HIS A 199 -2.27 2.50 11.81
C HIS A 199 -1.45 1.53 12.65
N ALA A 200 -1.35 1.83 13.95
CA ALA A 200 -0.66 0.96 14.90
C ALA A 200 -1.31 -0.40 14.92
N LEU A 201 -2.62 -0.39 14.78
CA LEU A 201 -3.42 -1.62 14.82
C LEU A 201 -3.17 -2.50 13.57
N VAL A 202 -2.94 -1.83 12.43
CA VAL A 202 -2.48 -2.55 11.22
C VAL A 202 -1.11 -3.18 11.49
N GLY A 203 -0.16 -2.41 12.03
CA GLY A 203 1.14 -3.02 12.44
C GLY A 203 1.01 -4.21 13.34
N LEU A 204 0.17 -4.06 14.33
CA LEU A 204 -0.08 -5.19 15.25
C LEU A 204 -0.66 -6.40 14.52
N THR A 205 -1.69 -6.15 13.69
CA THR A 205 -2.31 -7.20 12.89
C THR A 205 -1.23 -8.04 12.14
N GLN A 206 -0.30 -7.34 11.47
CA GLN A 206 0.74 -7.95 10.66
C GLN A 206 1.83 -8.61 11.53
N SER A 207 2.30 -7.89 12.57
CA SER A 207 3.32 -8.42 13.49
C SER A 207 2.81 -9.63 14.22
N ALA A 208 1.61 -9.54 14.75
CA ALA A 208 1.11 -10.70 15.49
C ALA A 208 0.74 -11.87 14.57
N ALA A 209 0.16 -11.62 13.37
CA ALA A 209 -0.02 -12.74 12.42
C ALA A 209 1.30 -13.50 12.23
N LEU A 210 2.38 -12.78 11.98
CA LEU A 210 3.68 -13.38 11.75
C LEU A 210 4.20 -14.18 12.94
N GLU A 211 4.25 -13.55 14.13
CA GLU A 211 4.70 -14.15 15.39
C GLU A 211 3.88 -15.35 15.91
N LEU A 212 2.55 -15.23 15.85
CA LEU A 212 1.63 -16.25 16.34
C LEU A 212 1.25 -17.36 15.34
N ALA A 213 1.64 -17.23 14.09
CA ALA A 213 1.41 -18.29 13.12
C ALA A 213 1.97 -19.65 13.62
N PRO A 214 3.27 -19.70 14.08
CA PRO A 214 3.78 -20.99 14.64
C PRO A 214 2.87 -21.66 15.69
N TYR A 215 2.06 -20.86 16.38
CA TYR A 215 1.22 -21.41 17.43
C TYR A 215 -0.18 -21.74 16.92
N GLY A 216 -0.43 -21.62 15.62
CA GLY A 216 -1.78 -21.85 15.07
C GLY A 216 -2.76 -20.73 15.36
N ILE A 217 -2.26 -19.56 15.81
CA ILE A 217 -3.19 -18.40 15.98
C ILE A 217 -3.16 -17.53 14.71
N ARG A 218 -4.28 -17.42 14.04
CA ARG A 218 -4.41 -16.47 12.94
C ARG A 218 -4.77 -15.06 13.46
N VAL A 219 -4.27 -14.03 12.76
CA VAL A 219 -4.57 -12.64 13.06
C VAL A 219 -4.92 -11.90 11.77
N ASN A 220 -6.09 -11.34 11.73
CA ASN A 220 -6.58 -10.68 10.52
C ASN A 220 -7.35 -9.48 10.94
N GLY A 221 -7.84 -8.69 9.98
CA GLY A 221 -8.56 -7.48 10.37
C GLY A 221 -9.75 -7.28 9.50
N VAL A 222 -10.68 -6.43 9.93
CA VAL A 222 -11.84 -6.06 9.12
C VAL A 222 -11.82 -4.57 9.16
N ALA A 223 -11.98 -3.95 7.99
CA ALA A 223 -11.86 -2.50 7.87
C ALA A 223 -13.15 -1.83 7.32
N PRO A 224 -14.03 -1.36 8.21
CA PRO A 224 -15.19 -0.55 7.72
C PRO A 224 -14.80 0.78 7.13
N GLY A 225 -15.60 1.28 6.20
CA GLY A 225 -15.51 2.67 5.75
C GLY A 225 -16.52 3.45 6.57
N VAL A 226 -17.61 3.88 5.94
CA VAL A 226 -18.77 4.36 6.72
C VAL A 226 -19.74 3.22 7.03
N SER A 227 -19.82 2.91 8.31
CA SER A 227 -20.86 2.05 8.85
C SER A 227 -21.79 2.93 9.72
N LEU A 228 -22.39 2.38 10.77
CA LEU A 228 -23.15 3.16 11.73
C LEU A 228 -22.44 4.46 12.13
N LEU A 229 -23.03 5.58 11.70
CA LEU A 229 -22.53 6.90 12.04
C LEU A 229 -22.65 7.14 13.58
N PRO A 230 -21.67 7.85 14.19
CA PRO A 230 -21.78 8.37 15.56
C PRO A 230 -23.18 8.96 15.90
N VAL A 231 -23.74 8.52 17.03
CA VAL A 231 -25.10 8.89 17.45
C VAL A 231 -25.25 10.42 17.58
N ALA A 232 -24.18 11.09 18.05
CA ALA A 232 -24.03 12.57 18.06
C ALA A 232 -24.19 13.28 16.70
N MET A 233 -23.98 12.55 15.59
CA MET A 233 -23.98 13.11 14.24
C MET A 233 -25.39 13.46 13.75
N GLY A 234 -25.51 14.67 13.18
CA GLY A 234 -26.79 15.14 12.62
C GLY A 234 -27.10 14.43 11.31
N GLU A 235 -28.39 14.24 11.04
CA GLU A 235 -28.91 13.60 9.80
C GLU A 235 -28.39 14.20 8.50
N GLU A 236 -28.19 15.53 8.52
CA GLU A 236 -27.61 16.29 7.39
C GLU A 236 -26.16 15.78 7.12
N GLU A 237 -25.35 15.74 8.20
CA GLU A 237 -23.97 15.22 8.18
C GLU A 237 -23.93 13.75 7.75
N LYS A 238 -24.82 12.93 8.33
CA LYS A 238 -25.00 11.51 7.95
C LYS A 238 -25.21 11.37 6.44
N ASP A 239 -26.15 12.10 5.85
CA ASP A 239 -26.36 12.03 4.39
C ASP A 239 -25.20 12.50 3.49
N LYS A 240 -24.35 13.41 4.00
CA LYS A 240 -23.10 13.78 3.31
C LYS A 240 -22.24 12.52 3.10
N TRP A 241 -22.03 11.74 4.19
CA TRP A 241 -21.26 10.50 4.16
C TRP A 241 -21.89 9.41 3.24
N ARG A 242 -23.20 9.20 3.38
CA ARG A 242 -23.98 8.27 2.53
C ARG A 242 -23.74 8.51 1.04
N ARG A 243 -23.84 9.77 0.62
CA ARG A 243 -23.63 10.20 -0.76
C ARG A 243 -22.27 9.84 -1.37
N LYS A 244 -21.23 9.76 -0.55
CA LYS A 244 -19.87 9.40 -1.02
C LYS A 244 -19.70 7.93 -1.51
N VAL A 245 -20.48 7.02 -0.92
CA VAL A 245 -20.28 5.57 -1.04
C VAL A 245 -20.74 5.00 -2.38
N PRO A 246 -19.79 4.50 -3.20
CA PRO A 246 -20.15 4.05 -4.56
C PRO A 246 -21.20 2.97 -4.57
N LEU A 247 -21.16 2.05 -3.61
CA LEU A 247 -22.06 0.90 -3.63
C LEU A 247 -23.33 1.18 -2.81
N GLY A 248 -24.35 1.74 -3.48
CA GLY A 248 -25.66 2.02 -2.91
C GLY A 248 -25.81 3.30 -2.10
N ARG A 249 -24.78 4.15 -2.03
CA ARG A 249 -24.87 5.49 -1.36
C ARG A 249 -25.43 5.39 0.05
N ARG A 250 -25.00 4.37 0.77
CA ARG A 250 -25.45 4.14 2.11
C ARG A 250 -24.29 3.56 2.89
N GLU A 251 -24.38 3.69 4.22
CA GLU A 251 -23.47 3.09 5.21
C GLU A 251 -23.61 1.57 5.27
N ALA A 252 -22.55 0.86 5.64
CA ALA A 252 -22.67 -0.56 6.04
C ALA A 252 -23.52 -0.70 7.31
N SER A 253 -24.41 -1.69 7.30
CA SER A 253 -25.05 -2.15 8.51
C SER A 253 -23.98 -2.84 9.37
N ALA A 254 -24.22 -2.90 10.68
CA ALA A 254 -23.30 -3.55 11.60
C ALA A 254 -23.21 -5.05 11.29
N GLU A 255 -24.31 -5.59 10.78
CA GLU A 255 -24.44 -7.01 10.48
C GLU A 255 -23.49 -7.35 9.29
N GLN A 256 -23.39 -6.39 8.37
CA GLN A 256 -22.48 -6.50 7.23
C GLN A 256 -20.99 -6.53 7.64
N ILE A 257 -20.64 -5.73 8.66
CA ILE A 257 -19.30 -5.78 9.30
C ILE A 257 -19.07 -7.13 9.97
N ALA A 258 -20.05 -7.54 10.77
CA ALA A 258 -20.02 -8.82 11.48
C ALA A 258 -19.86 -10.02 10.54
N ASP A 259 -20.59 -10.01 9.42
CA ASP A 259 -20.37 -11.02 8.37
C ASP A 259 -18.90 -11.30 8.02
N ALA A 260 -18.09 -10.22 7.83
CA ALA A 260 -16.65 -10.38 7.49
C ALA A 260 -15.82 -10.99 8.63
N VAL A 261 -16.17 -10.63 9.87
CA VAL A 261 -15.55 -11.23 11.06
C VAL A 261 -15.86 -12.71 11.13
N ILE A 262 -17.13 -13.04 10.88
CA ILE A 262 -17.53 -14.50 10.87
C ILE A 262 -16.76 -15.31 9.83
N PHE A 263 -16.66 -14.76 8.61
CA PHE A 263 -15.79 -15.43 7.68
C PHE A 263 -14.40 -15.63 8.27
N LEU A 264 -13.76 -14.55 8.77
CA LEU A 264 -12.33 -14.69 9.11
C LEU A 264 -12.03 -15.70 10.22
N VAL A 265 -12.98 -15.84 11.15
CA VAL A 265 -12.82 -16.86 12.18
C VAL A 265 -13.22 -18.27 11.71
N SER A 266 -14.08 -18.37 10.69
CA SER A 266 -14.56 -19.68 10.24
C SER A 266 -13.43 -20.59 9.69
N GLY A 267 -13.76 -21.87 9.48
CA GLY A 267 -12.85 -22.84 8.80
C GLY A 267 -12.59 -22.54 7.31
N SER A 268 -13.45 -21.72 6.73
CA SER A 268 -13.30 -21.24 5.34
C SER A 268 -12.19 -20.20 5.21
N ALA A 269 -11.55 -19.79 6.35
CA ALA A 269 -10.45 -18.81 6.35
C ALA A 269 -9.22 -19.37 7.01
N GLN A 270 -9.09 -20.69 7.03
CA GLN A 270 -7.96 -21.36 7.75
C GLN A 270 -6.59 -21.11 7.21
N TYR A 271 -6.48 -20.57 5.99
CA TYR A 271 -5.12 -20.24 5.49
C TYR A 271 -4.78 -18.71 5.44
N ILE A 272 -5.75 -17.91 5.89
CA ILE A 272 -5.66 -16.49 5.84
C ILE A 272 -5.16 -15.98 7.19
N THR A 273 -3.98 -15.39 7.19
CA THR A 273 -3.50 -14.65 8.36
C THR A 273 -2.75 -13.40 7.85
N GLY A 274 -2.90 -12.29 8.56
CA GLY A 274 -2.30 -11.01 8.21
C GLY A 274 -3.07 -10.28 7.13
N SER A 275 -4.29 -10.70 6.84
CA SER A 275 -5.09 -10.01 5.82
C SER A 275 -6.08 -9.04 6.51
N ILE A 276 -6.35 -7.93 5.84
CA ILE A 276 -7.32 -6.96 6.36
C ILE A 276 -8.32 -6.79 5.24
N ILE A 277 -9.56 -7.12 5.49
CA ILE A 277 -10.57 -7.11 4.46
C ILE A 277 -11.36 -5.79 4.63
N LYS A 278 -11.37 -4.95 3.62
CA LYS A 278 -12.19 -3.73 3.61
C LYS A 278 -13.62 -4.11 3.40
N VAL A 279 -14.49 -3.49 4.19
CA VAL A 279 -15.92 -3.66 4.00
C VAL A 279 -16.49 -2.23 3.92
N ASP A 280 -16.29 -1.56 2.81
CA ASP A 280 -16.47 -0.09 2.74
C ASP A 280 -17.29 0.34 1.51
N GLY A 281 -17.93 -0.63 0.84
CA GLY A 281 -18.59 -0.39 -0.44
C GLY A 281 -17.85 0.50 -1.43
N GLY A 282 -16.50 0.41 -1.45
CA GLY A 282 -15.68 1.20 -2.44
C GLY A 282 -15.31 2.60 -2.04
N LEU A 283 -15.63 3.00 -0.81
CA LEU A 283 -15.34 4.34 -0.36
C LEU A 283 -13.85 4.70 -0.43
N SER A 284 -13.01 3.81 0.07
CA SER A 284 -11.55 4.07 0.04
C SER A 284 -11.02 4.28 -1.38
N LEU A 285 -11.79 3.89 -2.41
CA LEU A 285 -11.34 4.10 -3.79
C LEU A 285 -11.69 5.45 -4.43
N VAL A 286 -12.54 6.25 -3.78
CA VAL A 286 -13.03 7.50 -4.39
C VAL A 286 -11.98 8.59 -4.19
N HIS A 287 -11.51 9.19 -5.27
CA HIS A 287 -10.64 10.37 -5.14
C HIS A 287 -11.40 11.64 -4.63
N ALA A 288 -10.67 12.58 -4.04
CA ALA A 288 -11.19 13.92 -3.73
C ALA A 288 -11.87 14.58 -4.94
N GLU B 22 -34.23 -18.73 -11.65
CA GLU B 22 -34.00 -19.64 -10.47
C GLU B 22 -32.51 -19.65 -9.99
N ALA B 23 -31.70 -20.64 -10.40
CA ALA B 23 -30.34 -20.82 -9.91
C ALA B 23 -29.41 -19.78 -10.59
N PRO B 24 -28.46 -19.18 -9.83
CA PRO B 24 -27.51 -18.22 -10.45
C PRO B 24 -26.50 -18.93 -11.35
N ALA B 25 -25.78 -18.12 -12.16
CA ALA B 25 -24.81 -18.65 -13.11
C ALA B 25 -23.42 -17.93 -13.11
N ALA B 26 -22.36 -18.76 -13.14
CA ALA B 26 -20.99 -18.30 -12.98
C ALA B 26 -20.13 -18.66 -14.24
N VAL B 27 -19.27 -17.75 -14.71
CA VAL B 27 -18.20 -18.08 -15.66
C VAL B 27 -16.87 -18.21 -14.88
N VAL B 28 -16.09 -19.29 -15.08
CA VAL B 28 -14.78 -19.42 -14.46
C VAL B 28 -13.75 -19.60 -15.56
N THR B 29 -12.78 -18.68 -15.67
CA THR B 29 -11.83 -18.88 -16.78
C THR B 29 -10.75 -19.86 -16.28
N GLY B 30 -10.08 -20.59 -17.17
CA GLY B 30 -9.04 -21.56 -16.73
C GLY B 30 -9.63 -22.50 -15.69
N ALA B 31 -10.87 -22.99 -15.93
CA ALA B 31 -11.56 -23.82 -14.93
C ALA B 31 -11.23 -25.32 -14.99
N ALA B 32 -10.43 -25.78 -15.92
CA ALA B 32 -10.31 -27.24 -16.11
C ALA B 32 -9.44 -27.88 -15.03
N LYS B 33 -8.49 -27.12 -14.50
CA LYS B 33 -7.50 -27.69 -13.57
C LYS B 33 -7.24 -26.79 -12.36
N ARG B 34 -6.67 -27.40 -11.32
CA ARG B 34 -6.05 -26.75 -10.18
C ARG B 34 -7.01 -25.77 -9.49
N ILE B 35 -6.62 -24.50 -9.39
CA ILE B 35 -7.42 -23.56 -8.68
C ILE B 35 -8.79 -23.28 -9.34
N GLY B 36 -8.78 -23.09 -10.65
CA GLY B 36 -10.02 -22.78 -11.37
C GLY B 36 -11.02 -23.92 -11.27
N ARG B 37 -10.52 -25.14 -11.29
CA ARG B 37 -11.34 -26.35 -11.10
C ARG B 37 -12.04 -26.35 -9.73
N ALA B 38 -11.25 -26.11 -8.69
CA ALA B 38 -11.76 -26.11 -7.33
C ALA B 38 -12.78 -24.98 -7.13
N ILE B 39 -12.57 -23.85 -7.80
CA ILE B 39 -13.53 -22.72 -7.76
C ILE B 39 -14.88 -23.12 -8.43
N ALA B 40 -14.77 -23.69 -9.63
CA ALA B 40 -15.92 -24.17 -10.38
C ALA B 40 -16.69 -25.24 -9.53
N VAL B 41 -15.96 -26.21 -8.95
CA VAL B 41 -16.57 -27.23 -8.11
C VAL B 41 -17.39 -26.62 -6.94
N LYS B 42 -16.77 -25.68 -6.20
CA LYS B 42 -17.41 -25.11 -5.02
C LYS B 42 -18.53 -24.14 -5.38
N LEU B 43 -18.38 -23.39 -6.48
CA LEU B 43 -19.52 -22.59 -6.98
C LEU B 43 -20.72 -23.57 -7.28
N HIS B 44 -20.39 -24.71 -7.89
CA HIS B 44 -21.42 -25.68 -8.29
C HIS B 44 -22.17 -26.25 -7.03
N GLN B 45 -21.40 -26.69 -6.03
CA GLN B 45 -21.87 -27.11 -4.70
C GLN B 45 -22.70 -26.11 -3.93
N THR B 46 -22.65 -24.84 -4.30
CA THR B 46 -23.41 -23.71 -3.68
C THR B 46 -24.70 -23.45 -4.47
N GLY B 47 -24.83 -24.11 -5.61
CA GLY B 47 -26.05 -23.96 -6.42
C GLY B 47 -25.92 -23.11 -7.64
N TYR B 48 -24.68 -22.78 -8.02
CA TYR B 48 -24.42 -22.13 -9.32
C TYR B 48 -24.48 -23.09 -10.50
N ARG B 49 -25.08 -22.62 -11.57
CA ARG B 49 -24.66 -23.20 -12.89
C ARG B 49 -23.31 -22.57 -13.36
N VAL B 50 -22.46 -23.36 -14.02
CA VAL B 50 -21.09 -22.97 -14.36
C VAL B 50 -20.72 -23.08 -15.88
N VAL B 51 -20.04 -22.07 -16.43
CA VAL B 51 -19.35 -22.17 -17.72
C VAL B 51 -17.89 -22.43 -17.35
N ILE B 52 -17.40 -23.61 -17.73
CA ILE B 52 -16.04 -23.99 -17.49
C ILE B 52 -15.24 -23.52 -18.71
N HIS B 53 -14.56 -22.37 -18.64
CA HIS B 53 -13.70 -21.94 -19.76
C HIS B 53 -12.40 -22.77 -19.72
N TYR B 54 -11.83 -23.06 -20.88
CA TYR B 54 -10.52 -23.76 -20.96
C TYR B 54 -9.78 -23.33 -22.25
N HIS B 55 -8.51 -23.68 -22.35
CA HIS B 55 -7.74 -23.31 -23.52
C HIS B 55 -7.23 -24.58 -24.18
N ASN B 56 -6.29 -25.28 -23.55
CA ASN B 56 -5.75 -26.52 -24.12
C ASN B 56 -6.31 -27.77 -23.42
N SER B 57 -6.85 -27.61 -22.22
CA SER B 57 -7.20 -28.74 -21.39
C SER B 57 -8.64 -29.25 -21.62
N ALA B 58 -8.96 -29.60 -22.88
CA ALA B 58 -10.31 -30.02 -23.26
C ALA B 58 -10.83 -31.27 -22.52
N GLU B 59 -10.00 -32.27 -22.36
CA GLU B 59 -10.36 -33.51 -21.67
C GLU B 59 -10.73 -33.25 -20.21
N ALA B 60 -9.89 -32.49 -19.49
CA ALA B 60 -10.17 -32.23 -18.09
C ALA B 60 -11.40 -31.31 -18.03
N ALA B 61 -11.52 -30.34 -18.92
CA ALA B 61 -12.75 -29.47 -18.88
C ALA B 61 -14.07 -30.28 -19.04
N VAL B 62 -14.11 -31.13 -20.08
CA VAL B 62 -15.30 -31.95 -20.40
C VAL B 62 -15.62 -32.93 -19.26
N SER B 63 -14.56 -33.55 -18.75
CA SER B 63 -14.63 -34.46 -17.64
C SER B 63 -15.21 -33.78 -16.34
N LEU B 64 -14.79 -32.54 -16.08
CA LEU B 64 -15.40 -31.78 -15.02
C LEU B 64 -16.89 -31.48 -15.31
N ALA B 65 -17.21 -31.05 -16.52
CA ALA B 65 -18.63 -30.72 -16.87
C ALA B 65 -19.56 -31.94 -16.68
N ASP B 66 -19.01 -33.13 -17.01
CA ASP B 66 -19.73 -34.41 -16.95
C ASP B 66 -20.02 -34.75 -15.50
N GLU B 67 -18.97 -34.78 -14.67
CA GLU B 67 -19.08 -34.96 -13.21
C GLU B 67 -20.11 -34.03 -12.60
N LEU B 68 -20.06 -32.75 -12.91
CA LEU B 68 -21.05 -31.81 -12.40
C LEU B 68 -22.46 -31.98 -12.94
N ASN B 69 -22.59 -32.38 -14.20
CA ASN B 69 -23.92 -32.59 -14.78
C ASN B 69 -24.64 -33.83 -14.28
N LYS B 70 -23.85 -34.85 -13.95
CA LYS B 70 -24.21 -36.03 -13.18
C LYS B 70 -24.70 -35.63 -11.77
N GLU B 71 -24.03 -34.68 -11.14
CA GLU B 71 -24.57 -34.13 -9.92
C GLU B 71 -25.93 -33.44 -10.14
N ARG B 72 -26.05 -32.55 -11.11
CA ARG B 72 -27.35 -31.94 -11.42
C ARG B 72 -27.37 -31.65 -12.87
N SER B 73 -28.38 -32.15 -13.58
CA SER B 73 -28.54 -31.97 -15.03
C SER B 73 -28.55 -30.56 -15.52
N ASN B 74 -27.88 -30.36 -16.67
CA ASN B 74 -27.72 -29.07 -17.40
C ASN B 74 -27.41 -27.92 -16.48
N THR B 75 -26.37 -28.13 -15.68
CA THR B 75 -25.82 -27.07 -14.83
C THR B 75 -24.33 -26.67 -15.14
N ALA B 76 -23.73 -27.20 -16.23
CA ALA B 76 -22.30 -27.07 -16.54
C ALA B 76 -22.12 -27.21 -18.04
N VAL B 77 -21.46 -26.24 -18.67
CA VAL B 77 -21.08 -26.27 -20.09
C VAL B 77 -19.62 -25.91 -20.17
N VAL B 78 -18.94 -26.30 -21.23
CA VAL B 78 -17.55 -25.90 -21.41
C VAL B 78 -17.52 -24.84 -22.50
N CYS B 79 -16.46 -24.01 -22.49
CA CYS B 79 -16.26 -23.04 -23.53
C CYS B 79 -14.78 -22.89 -23.81
N GLN B 80 -14.34 -23.13 -25.04
CA GLN B 80 -12.91 -23.03 -25.42
C GLN B 80 -12.64 -21.64 -26.00
N ALA B 81 -11.54 -21.04 -25.54
CA ALA B 81 -11.01 -19.75 -26.03
C ALA B 81 -9.57 -19.60 -25.58
N ASP B 82 -8.71 -19.21 -26.53
CA ASP B 82 -7.37 -18.71 -26.23
C ASP B 82 -7.50 -17.29 -25.73
N LEU B 83 -6.93 -17.04 -24.54
CA LEU B 83 -7.02 -15.70 -23.93
C LEU B 83 -5.77 -14.79 -24.12
N THR B 84 -4.82 -15.25 -24.93
CA THR B 84 -3.76 -14.38 -25.47
C THR B 84 -4.35 -13.05 -26.10
N ASN B 85 -3.69 -11.93 -25.91
CA ASN B 85 -4.15 -10.71 -26.58
C ASN B 85 -3.90 -10.81 -28.14
N SER B 86 -4.90 -10.35 -28.91
CA SER B 86 -4.94 -10.35 -30.36
C SER B 86 -6.10 -9.46 -30.82
N ASN B 87 -6.27 -9.36 -32.14
CA ASN B 87 -7.37 -8.61 -32.76
C ASN B 87 -8.70 -9.28 -32.42
N VAL B 88 -8.66 -10.60 -32.25
CA VAL B 88 -9.88 -11.36 -31.89
C VAL B 88 -10.22 -11.53 -30.37
N LEU B 89 -9.32 -11.16 -29.46
CA LEU B 89 -9.58 -11.38 -28.02
C LEU B 89 -10.88 -10.71 -27.61
N PRO B 90 -11.14 -9.45 -28.06
CA PRO B 90 -12.46 -8.93 -27.68
C PRO B 90 -13.65 -9.82 -28.05
N ALA B 91 -13.60 -10.44 -29.23
CA ALA B 91 -14.70 -11.32 -29.68
C ALA B 91 -14.73 -12.57 -28.82
N SER B 92 -13.56 -13.16 -28.53
CA SER B 92 -13.54 -14.34 -27.68
C SER B 92 -14.18 -14.11 -26.28
N CYS B 93 -13.83 -12.99 -25.66
CA CYS B 93 -14.35 -12.67 -24.34
C CYS B 93 -15.86 -12.41 -24.36
N GLU B 94 -16.30 -11.63 -25.35
CA GLU B 94 -17.72 -11.46 -25.68
C GLU B 94 -18.45 -12.79 -25.76
N GLU B 95 -17.80 -13.76 -26.43
CA GLU B 95 -18.37 -15.08 -26.62
C GLU B 95 -18.46 -15.85 -25.30
N ILE B 96 -17.47 -15.70 -24.44
CA ILE B 96 -17.45 -16.42 -23.19
C ILE B 96 -18.66 -16.01 -22.35
N ILE B 97 -18.82 -14.69 -22.21
CA ILE B 97 -19.99 -14.14 -21.55
C ILE B 97 -21.30 -14.59 -22.24
N ASN B 98 -21.40 -14.46 -23.58
CA ASN B 98 -22.63 -14.89 -24.30
C ASN B 98 -22.97 -16.32 -24.07
N SER B 99 -21.97 -17.21 -24.04
CA SER B 99 -22.22 -18.61 -23.82
C SER B 99 -22.92 -18.89 -22.46
N CYS B 100 -22.62 -18.04 -21.46
CA CYS B 100 -23.29 -18.15 -20.15
C CYS B 100 -24.76 -17.81 -20.24
N PHE B 101 -25.07 -16.68 -20.88
CA PHE B 101 -26.44 -16.26 -21.12
C PHE B 101 -27.25 -17.23 -22.02
N ARG B 102 -26.59 -17.85 -23.01
CA ARG B 102 -27.29 -18.77 -23.89
C ARG B 102 -27.52 -20.10 -23.19
N ALA B 103 -26.55 -20.55 -22.38
CA ALA B 103 -26.71 -21.83 -21.69
C ALA B 103 -27.71 -21.69 -20.57
N PHE B 104 -27.72 -20.54 -19.90
CA PHE B 104 -28.35 -20.44 -18.61
C PHE B 104 -29.27 -19.26 -18.43
N GLY B 105 -29.34 -18.30 -19.35
CA GLY B 105 -30.38 -17.24 -19.24
C GLY B 105 -29.90 -16.05 -18.44
N ARG B 106 -28.74 -16.23 -17.82
CA ARG B 106 -28.23 -15.22 -16.91
C ARG B 106 -26.71 -15.39 -16.68
N CYS B 107 -26.12 -14.30 -16.14
CA CYS B 107 -24.69 -14.30 -15.72
C CYS B 107 -24.44 -13.44 -14.49
N ASP B 108 -24.28 -14.11 -13.36
CA ASP B 108 -24.29 -13.48 -12.01
C ASP B 108 -22.87 -13.18 -11.47
N VAL B 109 -21.98 -14.11 -11.87
CA VAL B 109 -20.60 -14.23 -11.38
C VAL B 109 -19.61 -14.43 -12.57
N LEU B 110 -18.56 -13.62 -12.60
CA LEU B 110 -17.37 -13.82 -13.41
C LEU B 110 -16.15 -14.09 -12.51
N VAL B 111 -15.42 -15.19 -12.74
CA VAL B 111 -14.18 -15.40 -12.00
C VAL B 111 -13.01 -15.42 -13.01
N ASN B 112 -12.15 -14.39 -12.91
CA ASN B 112 -10.98 -14.26 -13.78
C ASN B 112 -9.79 -15.00 -13.17
N ASN B 113 -9.68 -16.27 -13.52
CA ASN B 113 -8.68 -17.14 -12.90
C ASN B 113 -7.54 -17.52 -13.84
N ALA B 114 -7.82 -17.64 -15.15
CA ALA B 114 -6.84 -18.10 -16.13
C ALA B 114 -5.59 -17.24 -16.08
N SER B 115 -4.44 -17.88 -16.21
CA SER B 115 -3.23 -17.14 -16.01
C SER B 115 -2.06 -17.84 -16.69
N ALA B 116 -1.25 -17.08 -17.43
CA ALA B 116 0.04 -17.48 -17.95
C ALA B 116 1.10 -17.01 -16.96
N PHE B 117 2.17 -17.78 -16.85
CA PHE B 117 3.16 -17.56 -15.84
C PHE B 117 4.44 -18.22 -16.25
N TYR B 118 5.44 -17.41 -16.59
CA TYR B 118 6.79 -17.88 -16.92
C TYR B 118 7.74 -16.67 -16.87
N PRO B 119 9.08 -16.91 -16.86
CA PRO B 119 10.05 -15.81 -16.77
C PRO B 119 10.13 -15.00 -18.06
N THR B 120 10.47 -13.71 -17.96
CA THR B 120 10.74 -12.84 -19.10
C THR B 120 11.93 -11.97 -18.66
N PRO B 121 13.16 -12.53 -18.60
CA PRO B 121 14.33 -11.73 -18.06
C PRO B 121 14.54 -10.47 -18.84
N LEU B 122 15.01 -9.43 -18.14
CA LEU B 122 15.28 -8.16 -18.81
C LEU B 122 16.61 -8.19 -19.57
N VAL B 123 17.55 -9.06 -19.15
CA VAL B 123 18.89 -9.09 -19.78
C VAL B 123 19.34 -10.52 -20.12
N GLY B 133 10.84 -20.54 -25.80
CA GLY B 133 11.35 -19.22 -26.19
C GLY B 133 10.56 -18.59 -27.33
N LYS B 134 9.66 -17.67 -26.96
CA LYS B 134 8.76 -16.95 -27.88
C LYS B 134 9.34 -15.56 -28.16
N THR B 135 8.81 -14.83 -29.15
CA THR B 135 9.18 -13.44 -29.29
C THR B 135 8.63 -12.62 -28.11
N VAL B 136 9.30 -11.50 -27.88
CA VAL B 136 8.91 -10.61 -26.79
C VAL B 136 7.43 -10.24 -26.98
N GLU B 137 6.99 -10.01 -28.22
CA GLU B 137 5.60 -9.63 -28.42
C GLU B 137 4.58 -10.76 -28.11
N THR B 138 5.01 -12.02 -28.22
CA THR B 138 4.21 -13.19 -27.82
C THR B 138 4.15 -13.27 -26.29
N GLN B 139 5.26 -12.94 -25.63
CA GLN B 139 5.32 -12.88 -24.17
C GLN B 139 4.36 -11.80 -23.62
N VAL B 140 4.37 -10.65 -24.28
CA VAL B 140 3.45 -9.57 -23.96
C VAL B 140 2.01 -10.04 -24.14
N ALA B 141 1.70 -10.57 -25.32
CA ALA B 141 0.34 -11.00 -25.63
C ALA B 141 -0.18 -12.04 -24.62
N GLU B 142 0.66 -13.01 -24.24
CA GLU B 142 0.32 -14.05 -23.27
C GLU B 142 0.25 -13.53 -21.83
N LEU B 143 1.33 -12.91 -21.37
CA LEU B 143 1.39 -12.52 -19.98
C LEU B 143 0.50 -11.34 -19.68
N ILE B 144 0.46 -10.33 -20.55
CA ILE B 144 -0.43 -9.21 -20.34
C ILE B 144 -1.85 -9.52 -20.78
N GLY B 145 -1.96 -10.20 -21.93
CA GLY B 145 -3.23 -10.80 -22.43
C GLY B 145 -4.12 -11.53 -21.43
N THR B 146 -3.59 -12.64 -20.92
CA THR B 146 -4.36 -13.49 -20.09
C THR B 146 -4.56 -12.90 -18.72
N ASN B 147 -3.53 -12.22 -18.19
CA ASN B 147 -3.54 -11.81 -16.81
C ASN B 147 -4.22 -10.51 -16.67
N ALA B 148 -4.42 -9.74 -17.74
CA ALA B 148 -4.99 -8.42 -17.50
C ALA B 148 -6.01 -7.97 -18.56
N ILE B 149 -5.69 -8.15 -19.85
CA ILE B 149 -6.53 -7.62 -20.89
C ILE B 149 -7.78 -8.45 -21.02
N ALA B 150 -7.60 -9.77 -21.07
CA ALA B 150 -8.77 -10.67 -21.07
C ALA B 150 -9.68 -10.40 -19.85
N PRO B 151 -9.09 -10.28 -18.62
CA PRO B 151 -10.01 -9.90 -17.55
C PRO B 151 -10.77 -8.56 -17.79
N PHE B 152 -10.10 -7.57 -18.39
CA PHE B 152 -10.76 -6.27 -18.69
C PHE B 152 -11.95 -6.41 -19.70
N LEU B 153 -11.71 -7.21 -20.72
CA LEU B 153 -12.65 -7.42 -21.80
C LEU B 153 -13.82 -8.28 -21.31
N LEU B 154 -13.51 -9.30 -20.54
CA LEU B 154 -14.55 -10.13 -19.92
C LEU B 154 -15.42 -9.25 -19.00
N THR B 155 -14.77 -8.36 -18.25
CA THR B 155 -15.46 -7.47 -17.30
C THR B 155 -16.41 -6.53 -18.03
N MET B 156 -15.96 -5.97 -19.15
CA MET B 156 -16.78 -5.05 -19.95
C MET B 156 -17.97 -5.81 -20.53
N SER B 157 -17.74 -7.02 -21.02
CA SER B 157 -18.81 -7.80 -21.59
C SER B 157 -19.85 -8.19 -20.53
N PHE B 158 -19.36 -8.60 -19.37
CA PHE B 158 -20.23 -8.98 -18.27
C PHE B 158 -21.13 -7.76 -17.92
N ALA B 159 -20.55 -6.60 -17.74
CA ALA B 159 -21.33 -5.43 -17.30
C ALA B 159 -22.30 -5.00 -18.39
N GLN B 160 -21.85 -5.00 -19.66
CA GLN B 160 -22.68 -4.59 -20.80
C GLN B 160 -23.93 -5.48 -20.92
N ARG B 161 -23.79 -6.81 -20.74
CA ARG B 161 -24.94 -7.71 -20.76
C ARG B 161 -25.88 -7.58 -19.52
N GLN B 162 -25.54 -6.73 -18.53
CA GLN B 162 -26.44 -6.43 -17.38
C GLN B 162 -27.18 -5.09 -17.56
N SER B 172 -29.62 -11.02 -8.72
CA SER B 172 -29.14 -9.74 -8.23
C SER B 172 -28.12 -9.80 -7.07
N ASN B 173 -27.25 -10.79 -7.11
CA ASN B 173 -26.01 -10.63 -6.37
C ASN B 173 -24.88 -10.81 -7.40
N LEU B 174 -24.68 -9.75 -8.17
CA LEU B 174 -23.72 -9.71 -9.28
C LEU B 174 -22.35 -9.30 -8.82
N SER B 175 -21.35 -10.14 -9.15
CA SER B 175 -19.98 -9.82 -8.74
C SER B 175 -18.89 -10.46 -9.62
N ILE B 176 -17.70 -9.83 -9.60
CA ILE B 176 -16.52 -10.35 -10.27
C ILE B 176 -15.43 -10.61 -9.23
N VAL B 177 -14.69 -11.71 -9.41
CA VAL B 177 -13.56 -11.99 -8.55
C VAL B 177 -12.40 -12.23 -9.46
N ASN B 178 -11.33 -11.46 -9.27
CA ASN B 178 -10.04 -11.61 -10.00
C ASN B 178 -9.05 -12.35 -9.16
N LEU B 179 -8.36 -13.34 -9.76
CA LEU B 179 -7.23 -13.99 -9.11
C LEU B 179 -5.95 -13.17 -9.23
N CYS B 180 -5.57 -12.53 -8.11
CA CYS B 180 -4.45 -11.62 -8.06
C CYS B 180 -3.28 -12.44 -7.48
N ASP B 181 -2.26 -11.78 -6.92
CA ASP B 181 -1.04 -12.41 -6.48
C ASP B 181 -0.58 -11.70 -5.17
N ALA B 182 -0.48 -12.42 -4.05
CA ALA B 182 -0.14 -11.80 -2.77
C ALA B 182 1.29 -11.25 -2.76
N MET B 183 2.09 -11.74 -3.70
CA MET B 183 3.48 -11.31 -3.81
C MET B 183 3.68 -10.37 -4.98
N VAL B 184 2.73 -9.47 -5.18
CA VAL B 184 2.80 -8.50 -6.26
C VAL B 184 3.86 -7.44 -6.00
N ASP B 185 3.95 -7.01 -4.75
CA ASP B 185 4.93 -6.00 -4.35
C ASP B 185 6.30 -6.51 -3.95
N GLN B 186 6.50 -7.82 -3.93
CA GLN B 186 7.85 -8.39 -3.79
C GLN B 186 8.02 -9.42 -4.92
N PRO B 187 8.25 -8.94 -6.13
CA PRO B 187 8.22 -9.83 -7.31
C PRO B 187 9.40 -10.83 -7.32
N CYS B 188 9.17 -12.02 -7.89
CA CYS B 188 10.25 -12.92 -8.30
C CYS B 188 11.11 -12.25 -9.38
N MET B 189 12.41 -12.41 -9.27
CA MET B 189 13.37 -11.94 -10.28
C MET B 189 13.10 -12.51 -11.66
N ALA B 190 13.27 -11.67 -12.68
CA ALA B 190 13.03 -12.05 -14.11
C ALA B 190 11.55 -12.36 -14.47
N PHE B 191 10.59 -11.95 -13.64
CA PHE B 191 9.15 -12.08 -13.94
C PHE B 191 8.47 -10.73 -14.18
N SER B 192 9.20 -9.79 -14.77
CA SER B 192 8.65 -8.46 -14.96
C SER B 192 7.29 -8.40 -15.69
N LEU B 193 7.12 -9.14 -16.79
CA LEU B 193 5.87 -9.06 -17.53
C LEU B 193 4.73 -9.69 -16.78
N TYR B 194 4.99 -10.84 -16.17
CA TYR B 194 3.99 -11.50 -15.30
C TYR B 194 3.58 -10.48 -14.20
N ASN B 195 4.58 -9.84 -13.57
CA ASN B 195 4.32 -8.95 -12.44
C ASN B 195 3.52 -7.72 -12.92
N MET B 196 3.87 -7.21 -14.10
CA MET B 196 3.16 -6.11 -14.72
C MET B 196 1.67 -6.45 -14.94
N GLY B 197 1.37 -7.61 -15.54
CA GLY B 197 0.01 -8.04 -15.74
C GLY B 197 -0.77 -8.21 -14.43
N LYS B 198 -0.13 -8.71 -13.37
CA LYS B 198 -0.79 -8.88 -12.06
C LYS B 198 -1.04 -7.55 -11.39
N HIS B 199 -0.14 -6.57 -11.60
CA HIS B 199 -0.38 -5.23 -11.08
C HIS B 199 -1.54 -4.57 -11.82
N ALA B 200 -1.58 -4.74 -13.15
CA ALA B 200 -2.65 -4.22 -13.99
C ALA B 200 -4.00 -4.77 -13.55
N LEU B 201 -4.03 -6.04 -13.18
CA LEU B 201 -5.21 -6.68 -12.61
C LEU B 201 -5.72 -6.07 -11.30
N VAL B 202 -4.78 -5.69 -10.44
CA VAL B 202 -5.14 -4.92 -9.21
C VAL B 202 -5.79 -3.61 -9.65
N GLY B 203 -5.20 -2.93 -10.65
CA GLY B 203 -5.82 -1.69 -11.13
C GLY B 203 -7.21 -1.90 -11.70
N LEU B 204 -7.36 -2.95 -12.50
CA LEU B 204 -8.69 -3.36 -12.94
C LEU B 204 -9.73 -3.59 -11.81
N THR B 205 -9.32 -4.34 -10.80
CA THR B 205 -10.22 -4.63 -9.69
C THR B 205 -10.70 -3.33 -9.04
N GLN B 206 -9.79 -2.39 -8.78
CA GLN B 206 -10.13 -1.15 -8.14
C GLN B 206 -10.96 -0.26 -9.06
N SER B 207 -10.50 -0.04 -10.31
CA SER B 207 -11.26 0.68 -11.36
C SER B 207 -12.67 0.16 -11.66
N ALA B 208 -12.77 -1.14 -11.92
CA ALA B 208 -14.08 -1.73 -12.16
C ALA B 208 -14.97 -1.70 -10.90
N ALA B 209 -14.42 -1.90 -9.70
CA ALA B 209 -15.26 -1.75 -8.51
C ALA B 209 -15.94 -0.37 -8.46
N LEU B 210 -15.17 0.70 -8.71
CA LEU B 210 -15.66 2.06 -8.65
C LEU B 210 -16.73 2.32 -9.71
N GLU B 211 -16.45 1.95 -10.95
CA GLU B 211 -17.27 2.27 -12.08
C GLU B 211 -18.55 1.41 -12.13
N LEU B 212 -18.45 0.16 -11.69
CA LEU B 212 -19.58 -0.77 -11.74
C LEU B 212 -20.49 -0.74 -10.48
N ALA B 213 -20.00 -0.17 -9.37
CA ALA B 213 -20.80 -0.01 -8.10
C ALA B 213 -22.22 0.56 -8.33
N PRO B 214 -22.37 1.71 -9.05
CA PRO B 214 -23.73 2.22 -9.41
C PRO B 214 -24.67 1.20 -10.12
N TYR B 215 -24.08 0.18 -10.78
CA TYR B 215 -24.85 -0.90 -11.42
C TYR B 215 -25.03 -2.10 -10.50
N GLY B 216 -24.59 -2.04 -9.25
CA GLY B 216 -24.81 -3.18 -8.34
C GLY B 216 -23.85 -4.33 -8.60
N ILE B 217 -22.79 -4.08 -9.39
CA ILE B 217 -21.79 -5.12 -9.65
C ILE B 217 -20.62 -4.85 -8.69
N ARG B 218 -20.39 -5.80 -7.81
CA ARG B 218 -19.20 -5.77 -6.95
C ARG B 218 -17.98 -6.41 -7.64
N VAL B 219 -16.78 -5.87 -7.36
CA VAL B 219 -15.56 -6.40 -7.96
C VAL B 219 -14.47 -6.56 -6.90
N ASN B 220 -13.95 -7.78 -6.77
CA ASN B 220 -12.98 -8.08 -5.69
C ASN B 220 -11.87 -9.00 -6.17
N GLY B 221 -10.84 -9.23 -5.37
CA GLY B 221 -9.86 -10.24 -5.78
C GLY B 221 -9.50 -11.19 -4.69
N VAL B 222 -8.83 -12.29 -5.05
CA VAL B 222 -8.29 -13.22 -4.09
C VAL B 222 -6.86 -13.36 -4.53
N ALA B 223 -5.95 -13.24 -3.58
CA ALA B 223 -4.52 -13.19 -3.83
C ALA B 223 -3.85 -14.35 -3.13
N PRO B 224 -3.66 -15.47 -3.87
CA PRO B 224 -2.91 -16.59 -3.25
C PRO B 224 -1.45 -16.25 -3.06
N GLY B 225 -0.77 -16.96 -2.18
CA GLY B 225 0.68 -16.75 -2.05
C GLY B 225 1.35 -17.88 -2.76
N VAL B 226 1.59 -18.94 -2.01
CA VAL B 226 1.95 -20.19 -2.62
C VAL B 226 0.73 -21.05 -2.42
N SER B 227 0.21 -21.57 -3.55
CA SER B 227 -0.93 -22.50 -3.57
C SER B 227 -0.43 -23.71 -4.35
N LEU B 228 -1.33 -24.46 -4.98
CA LEU B 228 -0.89 -25.59 -5.85
C LEU B 228 0.31 -25.16 -6.70
N LEU B 229 1.42 -25.87 -6.57
CA LEU B 229 2.65 -25.47 -7.24
C LEU B 229 2.72 -25.97 -8.69
N PRO B 230 3.24 -25.14 -9.64
CA PRO B 230 3.58 -25.53 -11.02
C PRO B 230 4.32 -26.89 -11.16
N VAL B 231 3.85 -27.76 -12.06
CA VAL B 231 4.47 -29.08 -12.32
C VAL B 231 5.88 -28.98 -12.98
N ALA B 232 6.20 -27.81 -13.55
CA ALA B 232 7.48 -27.54 -14.25
C ALA B 232 8.73 -27.44 -13.34
N MET B 233 8.57 -27.70 -12.04
CA MET B 233 9.63 -27.57 -11.03
C MET B 233 9.82 -28.80 -10.14
N GLY B 234 11.07 -29.04 -9.72
CA GLY B 234 11.44 -30.18 -8.87
C GLY B 234 10.81 -30.16 -7.49
N GLU B 235 10.45 -31.34 -6.97
CA GLU B 235 9.62 -31.49 -5.75
C GLU B 235 10.29 -31.11 -4.41
N GLU B 236 11.57 -30.72 -4.44
CA GLU B 236 12.25 -30.21 -3.23
C GLU B 236 12.34 -28.66 -3.21
N GLU B 237 12.28 -28.04 -4.40
CA GLU B 237 12.00 -26.60 -4.56
C GLU B 237 10.62 -26.27 -3.98
N LYS B 238 9.66 -27.20 -4.17
CA LYS B 238 8.32 -27.24 -3.53
C LYS B 238 8.41 -27.07 -2.01
N ASP B 239 9.33 -27.82 -1.39
CA ASP B 239 9.58 -27.73 0.04
C ASP B 239 10.27 -26.44 0.49
N LYS B 240 11.08 -25.84 -0.40
CA LYS B 240 11.73 -24.53 -0.15
C LYS B 240 10.71 -23.37 0.08
N TRP B 241 9.66 -23.33 -0.74
CA TRP B 241 8.54 -22.40 -0.58
C TRP B 241 7.65 -22.71 0.64
N ARG B 242 7.29 -23.99 0.82
CA ARG B 242 6.47 -24.46 1.95
C ARG B 242 7.09 -24.06 3.30
N ARG B 243 8.42 -24.15 3.43
CA ARG B 243 9.17 -23.66 4.61
C ARG B 243 9.08 -22.14 4.82
N LYS B 244 8.79 -21.35 3.79
CA LYS B 244 8.70 -19.88 3.97
C LYS B 244 7.37 -19.46 4.64
N VAL B 245 6.36 -20.30 4.51
CA VAL B 245 5.02 -19.97 4.93
C VAL B 245 4.86 -20.04 6.46
N PRO B 246 4.64 -18.86 7.12
CA PRO B 246 4.40 -18.88 8.55
C PRO B 246 3.32 -19.83 8.96
N LEU B 247 2.23 -19.93 8.22
CA LEU B 247 1.08 -20.65 8.74
C LEU B 247 1.08 -22.12 8.27
N GLY B 248 1.64 -22.99 9.11
CA GLY B 248 1.60 -24.44 8.88
C GLY B 248 2.69 -24.93 7.95
N ARG B 249 3.54 -24.03 7.44
CA ARG B 249 4.66 -24.38 6.56
C ARG B 249 4.20 -25.29 5.41
N ARG B 250 3.07 -24.89 4.81
CA ARG B 250 2.49 -25.59 3.66
C ARG B 250 1.81 -24.56 2.75
N GLU B 251 1.63 -25.01 1.49
CA GLU B 251 0.94 -24.26 0.46
C GLU B 251 -0.58 -24.35 0.72
N ALA B 252 -1.35 -23.37 0.18
CA ALA B 252 -2.82 -23.40 0.17
C ALA B 252 -3.27 -24.53 -0.75
N SER B 253 -4.18 -25.36 -0.28
CA SER B 253 -4.96 -26.15 -1.22
C SER B 253 -5.74 -25.20 -2.13
N ALA B 254 -6.06 -25.69 -3.33
CA ALA B 254 -6.94 -24.98 -4.25
C ALA B 254 -8.25 -24.65 -3.60
N GLU B 255 -8.69 -25.54 -2.72
CA GLU B 255 -9.98 -25.38 -2.02
C GLU B 255 -9.99 -24.16 -1.08
N GLN B 256 -8.84 -23.95 -0.45
CA GLN B 256 -8.62 -22.79 0.41
C GLN B 256 -8.77 -21.45 -0.33
N ILE B 257 -8.27 -21.41 -1.57
CA ILE B 257 -8.46 -20.28 -2.47
C ILE B 257 -9.94 -20.17 -2.83
N ALA B 258 -10.55 -21.32 -3.15
CA ALA B 258 -11.96 -21.31 -3.58
C ALA B 258 -12.87 -20.82 -2.51
N ASP B 259 -12.48 -21.14 -1.25
CA ASP B 259 -13.28 -20.65 -0.04
C ASP B 259 -13.38 -19.12 0.00
N ALA B 260 -12.25 -18.42 -0.30
CA ALA B 260 -12.26 -16.95 -0.34
C ALA B 260 -13.13 -16.44 -1.47
N VAL B 261 -13.13 -17.17 -2.61
CA VAL B 261 -13.96 -16.81 -3.77
C VAL B 261 -15.44 -16.95 -3.40
N ILE B 262 -15.79 -18.13 -2.85
CA ILE B 262 -17.16 -18.37 -2.37
C ILE B 262 -17.66 -17.24 -1.44
N PHE B 263 -16.81 -16.84 -0.46
CA PHE B 263 -17.22 -15.76 0.44
C PHE B 263 -17.52 -14.49 -0.31
N LEU B 264 -16.66 -14.14 -1.29
CA LEU B 264 -16.79 -12.84 -2.00
C LEU B 264 -18.00 -12.73 -2.91
N VAL B 265 -18.41 -13.86 -3.49
CA VAL B 265 -19.65 -13.90 -4.32
C VAL B 265 -20.93 -14.00 -3.47
N SER B 266 -20.80 -14.35 -2.19
CA SER B 266 -21.98 -14.65 -1.34
C SER B 266 -22.69 -13.40 -0.83
N GLY B 267 -23.86 -13.63 -0.22
CA GLY B 267 -24.65 -12.61 0.49
C GLY B 267 -23.95 -12.01 1.70
N SER B 268 -22.96 -12.74 2.27
CA SER B 268 -22.10 -12.24 3.35
C SER B 268 -21.11 -11.15 2.92
N ALA B 269 -20.96 -10.90 1.61
CA ALA B 269 -20.03 -9.89 1.15
C ALA B 269 -20.71 -8.79 0.36
N GLN B 270 -21.98 -8.57 0.63
CA GLN B 270 -22.78 -7.63 -0.17
C GLN B 270 -22.30 -6.21 -0.12
N TYR B 271 -21.52 -5.84 0.89
CA TYR B 271 -21.03 -4.48 0.93
C TYR B 271 -19.51 -4.43 0.58
N ILE B 272 -18.93 -5.60 0.32
CA ILE B 272 -17.51 -5.67 -0.05
C ILE B 272 -17.29 -5.43 -1.57
N THR B 273 -16.65 -4.32 -1.95
CA THR B 273 -16.15 -4.15 -3.32
C THR B 273 -14.77 -3.45 -3.28
N GLY B 274 -13.93 -3.81 -4.24
CA GLY B 274 -12.61 -3.20 -4.38
C GLY B 274 -11.64 -3.83 -3.38
N SER B 275 -11.96 -4.98 -2.83
CA SER B 275 -11.13 -5.55 -1.79
C SER B 275 -10.39 -6.69 -2.34
N ILE B 276 -9.15 -6.85 -1.90
CA ILE B 276 -8.34 -8.01 -2.34
C ILE B 276 -7.94 -8.78 -1.12
N ILE B 277 -8.37 -10.05 -0.99
CA ILE B 277 -8.18 -10.83 0.22
C ILE B 277 -6.96 -11.72 0.00
N LYS B 278 -5.91 -11.51 0.76
CA LYS B 278 -4.75 -12.42 0.61
C LYS B 278 -5.10 -13.71 1.28
N VAL B 279 -4.73 -14.78 0.58
CA VAL B 279 -4.88 -16.13 1.10
C VAL B 279 -3.49 -16.77 0.94
N ASP B 280 -2.56 -16.36 1.79
CA ASP B 280 -1.18 -16.75 1.61
C ASP B 280 -0.50 -17.28 2.89
N GLY B 281 -1.30 -17.57 3.94
CA GLY B 281 -0.75 -18.05 5.22
C GLY B 281 0.40 -17.18 5.76
N GLY B 282 0.31 -15.86 5.49
CA GLY B 282 1.23 -14.88 6.03
C GLY B 282 2.56 -14.74 5.31
N LEU B 283 2.72 -15.43 4.19
CA LEU B 283 3.92 -15.30 3.38
C LEU B 283 4.37 -13.87 2.89
N SER B 284 3.43 -13.02 2.47
CA SER B 284 3.77 -11.65 2.04
C SER B 284 4.36 -10.83 3.15
N LEU B 285 4.12 -11.25 4.39
CA LEU B 285 4.62 -10.50 5.56
C LEU B 285 6.06 -10.80 5.93
N VAL B 286 6.65 -11.81 5.26
CA VAL B 286 8.03 -12.28 5.61
C VAL B 286 9.09 -11.47 4.84
N HIS B 287 9.97 -10.79 5.57
CA HIS B 287 11.04 -10.05 4.94
C HIS B 287 12.11 -11.03 4.44
N ALA B 288 12.97 -10.55 3.53
CA ALA B 288 14.12 -11.28 2.97
C ALA B 288 15.08 -11.90 4.01
N GLU C 22 17.40 35.80 7.92
CA GLU C 22 18.73 35.12 7.78
C GLU C 22 18.63 33.59 7.59
N ALA C 23 19.64 32.88 8.12
CA ALA C 23 19.87 31.44 8.01
C ALA C 23 18.74 30.64 8.68
N PRO C 24 18.21 29.65 7.93
CA PRO C 24 17.08 28.93 8.55
C PRO C 24 17.58 28.04 9.69
N ALA C 25 16.62 27.52 10.47
CA ALA C 25 16.94 26.66 11.63
C ALA C 25 16.17 25.32 11.66
N ALA C 26 16.90 24.28 12.06
CA ALA C 26 16.43 22.87 12.09
C ALA C 26 16.54 22.27 13.49
N VAL C 27 15.48 21.56 13.95
CA VAL C 27 15.59 20.64 15.13
C VAL C 27 15.82 19.22 14.64
N VAL C 28 16.81 18.53 15.18
CA VAL C 28 16.99 17.13 14.85
C VAL C 28 17.08 16.35 16.16
N THR C 29 16.10 15.47 16.39
CA THR C 29 16.01 14.75 17.66
C THR C 29 17.00 13.61 17.52
N GLY C 30 17.54 13.13 18.63
CA GLY C 30 18.58 12.06 18.65
C GLY C 30 19.73 12.37 17.68
N ALA C 31 20.19 13.62 17.64
CA ALA C 31 21.23 14.08 16.71
C ALA C 31 22.67 13.70 17.11
N ALA C 32 22.89 13.02 18.21
CA ALA C 32 24.28 12.92 18.70
C ALA C 32 25.11 11.89 17.97
N LYS C 33 24.45 10.81 17.59
CA LYS C 33 25.10 9.70 16.92
C LYS C 33 24.45 9.34 15.54
N ARG C 34 25.16 8.46 14.85
CA ARG C 34 24.78 7.82 13.61
C ARG C 34 23.97 8.69 12.62
N ILE C 35 22.70 8.34 12.39
CA ILE C 35 21.89 8.97 11.32
C ILE C 35 21.47 10.39 11.64
N GLY C 36 21.00 10.61 12.87
CA GLY C 36 20.66 11.99 13.30
C GLY C 36 21.88 12.95 13.26
N ARG C 37 23.07 12.42 13.60
CA ARG C 37 24.33 13.17 13.45
C ARG C 37 24.56 13.54 12.00
N ALA C 38 24.56 12.50 11.13
CA ALA C 38 24.76 12.74 9.70
C ALA C 38 23.70 13.71 9.14
N ILE C 39 22.44 13.60 9.57
CA ILE C 39 21.40 14.58 9.19
C ILE C 39 21.78 15.98 9.72
N ALA C 40 22.30 16.04 10.95
CA ALA C 40 22.63 17.34 11.54
C ALA C 40 23.79 18.07 10.77
N VAL C 41 24.88 17.33 10.55
CA VAL C 41 26.03 17.81 9.80
C VAL C 41 25.59 18.32 8.39
N LYS C 42 24.95 17.41 7.61
CA LYS C 42 24.45 17.78 6.29
C LYS C 42 23.51 19.00 6.23
N LEU C 43 22.62 19.20 7.23
CA LEU C 43 21.76 20.39 7.25
C LEU C 43 22.63 21.63 7.55
N HIS C 44 23.68 21.39 8.37
CA HIS C 44 24.59 22.47 8.77
C HIS C 44 25.39 22.91 7.51
N GLN C 45 25.99 21.93 6.82
CA GLN C 45 26.68 22.18 5.54
C GLN C 45 25.83 22.90 4.47
N THR C 46 24.51 22.83 4.56
CA THR C 46 23.55 23.52 3.65
C THR C 46 23.21 24.94 4.16
N GLY C 47 23.81 25.27 5.31
CA GLY C 47 23.60 26.57 5.96
C GLY C 47 22.51 26.69 7.03
N TYR C 48 22.07 25.55 7.59
CA TYR C 48 21.09 25.54 8.69
C TYR C 48 21.80 25.77 9.98
N ARG C 49 21.15 26.51 10.85
CA ARG C 49 21.41 26.41 12.32
C ARG C 49 20.61 25.21 12.96
N VAL C 50 21.29 24.44 13.83
CA VAL C 50 20.81 23.16 14.38
C VAL C 50 20.66 23.02 15.92
N VAL C 51 19.49 22.57 16.36
CA VAL C 51 19.35 22.09 17.72
C VAL C 51 19.73 20.60 17.68
N ILE C 52 20.86 20.26 18.25
CA ILE C 52 21.23 18.87 18.49
C ILE C 52 20.50 18.31 19.74
N HIS C 53 19.37 17.59 19.57
CA HIS C 53 18.71 17.03 20.73
C HIS C 53 19.47 15.72 21.09
N TYR C 54 19.57 15.40 22.38
CA TYR C 54 20.15 14.12 22.80
C TYR C 54 19.44 13.63 24.06
N HIS C 55 19.65 12.38 24.43
CA HIS C 55 19.13 11.91 25.72
C HIS C 55 20.29 11.53 26.66
N ASN C 56 20.94 10.39 26.41
CA ASN C 56 22.09 9.92 27.18
C ASN C 56 23.42 10.31 26.52
N SER C 57 23.39 11.07 25.42
CA SER C 57 24.63 11.26 24.67
C SER C 57 25.18 12.69 24.75
N ALA C 58 25.38 13.16 26.01
CA ALA C 58 25.90 14.51 26.26
C ALA C 58 27.26 14.77 25.62
N GLU C 59 28.23 13.88 25.84
CA GLU C 59 29.60 14.05 25.30
C GLU C 59 29.62 14.13 23.75
N ALA C 60 28.85 13.22 23.11
CA ALA C 60 28.78 13.15 21.64
C ALA C 60 28.05 14.38 21.09
N ALA C 61 26.92 14.73 21.70
CA ALA C 61 26.15 15.92 21.32
C ALA C 61 27.01 17.16 21.33
N VAL C 62 27.67 17.38 22.47
CA VAL C 62 28.47 18.60 22.65
C VAL C 62 29.66 18.63 21.66
N SER C 63 30.29 17.46 21.52
CA SER C 63 31.39 17.33 20.55
C SER C 63 30.97 17.67 19.11
N LEU C 64 29.73 17.30 18.73
CA LEU C 64 29.15 17.70 17.46
C LEU C 64 28.95 19.21 17.38
N ALA C 65 28.31 19.80 18.39
CA ALA C 65 28.03 21.25 18.37
C ALA C 65 29.34 22.07 18.30
N ASP C 66 30.39 21.59 19.00
CA ASP C 66 31.73 22.25 18.96
C ASP C 66 32.23 22.30 17.52
N GLU C 67 32.35 21.10 16.91
CA GLU C 67 32.67 20.92 15.48
C GLU C 67 31.90 21.85 14.56
N LEU C 68 30.58 21.97 14.76
CA LEU C 68 29.78 22.87 13.89
C LEU C 68 29.98 24.34 14.22
N ASN C 69 30.14 24.65 15.50
CA ASN C 69 30.42 26.03 15.90
C ASN C 69 31.81 26.57 15.46
N LYS C 70 32.85 25.70 15.44
CA LYS C 70 34.17 25.99 14.87
C LYS C 70 34.02 26.43 13.42
N GLU C 71 33.12 25.75 12.70
CA GLU C 71 32.80 26.05 11.31
C GLU C 71 32.05 27.41 11.10
N ARG C 72 30.98 27.67 11.86
CA ARG C 72 30.34 29.01 11.90
C ARG C 72 29.87 29.16 13.32
N SER C 73 30.24 30.26 13.96
CA SER C 73 29.94 30.42 15.37
C SER C 73 28.45 30.67 15.57
N ASN C 74 27.93 30.08 16.65
CA ASN C 74 26.56 30.31 17.13
C ASN C 74 25.55 29.77 16.10
N THR C 75 25.90 28.57 15.61
CA THR C 75 25.06 27.87 14.62
C THR C 75 24.53 26.51 15.11
N ALA C 76 24.92 26.11 16.31
CA ALA C 76 24.67 24.80 16.90
C ALA C 76 24.48 24.96 18.44
N VAL C 77 23.31 24.57 18.95
CA VAL C 77 23.04 24.39 20.36
C VAL C 77 22.65 22.90 20.65
N VAL C 78 22.95 22.39 21.84
CA VAL C 78 22.49 21.06 22.24
C VAL C 78 21.27 21.20 23.15
N OCS C 79 20.52 20.12 23.32
CA OCS C 79 19.33 20.10 24.15
CB OCS C 79 18.12 20.53 23.33
SG OCS C 79 16.88 20.95 24.34
C OCS C 79 19.12 18.72 24.68
O OCS C 79 19.13 17.74 23.89
OD1 OCS C 79 16.30 19.76 24.90
OD2 OCS C 79 17.37 21.78 25.40
OD3 OCS C 79 15.75 21.76 23.50
N GLN C 80 18.93 18.61 25.98
CA GLN C 80 18.71 17.32 26.65
C GLN C 80 17.20 17.08 26.80
N ALA C 81 16.74 15.91 26.35
CA ALA C 81 15.36 15.45 26.67
C ALA C 81 15.21 13.93 26.62
N ASP C 82 14.55 13.38 27.64
CA ASP C 82 14.06 12.01 27.54
C ASP C 82 12.76 12.12 26.76
N LEU C 83 12.68 11.45 25.60
CA LEU C 83 11.44 11.46 24.78
C LEU C 83 10.50 10.25 25.06
N THR C 84 10.90 9.40 25.98
CA THR C 84 9.97 8.41 26.59
C THR C 84 8.57 9.06 26.90
N ASN C 85 7.47 8.36 26.61
CA ASN C 85 6.14 8.93 26.93
C ASN C 85 5.88 9.02 28.46
N SER C 86 5.40 10.19 28.93
CA SER C 86 5.13 10.49 30.33
C SER C 86 4.21 11.71 30.40
N ASN C 87 3.84 12.12 31.61
CA ASN C 87 3.00 13.32 31.82
C ASN C 87 3.82 14.56 31.48
N VAL C 88 5.16 14.48 31.61
CA VAL C 88 6.07 15.58 31.18
C VAL C 88 6.61 15.52 29.72
N LEU C 89 6.26 14.48 28.93
CA LEU C 89 6.60 14.46 27.49
C LEU C 89 6.09 15.73 26.76
N PRO C 90 4.79 16.10 26.98
CA PRO C 90 4.44 17.29 26.21
C PRO C 90 5.32 18.49 26.56
N ALA C 91 5.56 18.74 27.84
CA ALA C 91 6.50 19.80 28.26
C ALA C 91 7.87 19.64 27.60
N SER C 92 8.52 18.48 27.70
CA SER C 92 9.85 18.29 27.06
C SER C 92 9.86 18.68 25.55
N CYS C 93 8.75 18.41 24.85
CA CYS C 93 8.67 18.50 23.36
C CYS C 93 8.54 19.94 23.06
N GLU C 94 7.66 20.59 23.84
CA GLU C 94 7.47 22.01 23.72
C GLU C 94 8.78 22.77 23.97
N GLU C 95 9.56 22.31 24.95
CA GLU C 95 10.85 22.93 25.22
C GLU C 95 11.90 22.70 24.10
N ILE C 96 11.85 21.51 23.46
CA ILE C 96 12.66 21.31 22.24
C ILE C 96 12.33 22.37 21.15
N ILE C 97 11.06 22.59 20.86
CA ILE C 97 10.76 23.67 19.88
C ILE C 97 11.14 25.09 20.38
N ASN C 98 10.88 25.35 21.66
CA ASN C 98 11.35 26.58 22.34
C ASN C 98 12.83 26.80 22.19
N SER C 99 13.65 25.78 22.42
CA SER C 99 15.10 25.98 22.29
C SER C 99 15.51 26.49 20.91
N CYS C 100 14.83 26.01 19.85
CA CYS C 100 15.13 26.50 18.51
C CYS C 100 14.69 27.98 18.33
N PHE C 101 13.49 28.35 18.74
CA PHE C 101 13.13 29.77 18.69
C PHE C 101 14.03 30.67 19.61
N ARG C 102 14.42 30.17 20.78
CA ARG C 102 15.19 30.94 21.75
C ARG C 102 16.51 31.29 21.11
N ALA C 103 17.17 30.25 20.58
CA ALA C 103 18.55 30.37 20.13
C ALA C 103 18.65 31.09 18.78
N PHE C 104 17.63 31.01 17.91
CA PHE C 104 17.82 31.34 16.49
C PHE C 104 16.69 32.21 15.94
N GLY C 105 15.62 32.42 16.73
CA GLY C 105 14.54 33.31 16.34
C GLY C 105 13.55 32.73 15.35
N ARG C 106 13.71 31.44 15.02
CA ARG C 106 12.84 30.73 14.09
C ARG C 106 13.08 29.21 14.23
N CYS C 107 12.11 28.44 13.74
CA CYS C 107 12.24 27.00 13.55
C CYS C 107 11.62 26.61 12.19
N ASP C 108 12.48 26.25 11.24
CA ASP C 108 12.04 26.00 9.86
C ASP C 108 11.80 24.52 9.54
N VAL C 109 12.59 23.66 10.17
CA VAL C 109 12.64 22.24 9.90
C VAL C 109 12.66 21.44 11.23
N LEU C 110 11.76 20.45 11.27
CA LEU C 110 11.75 19.45 12.34
C LEU C 110 12.08 18.08 11.75
N VAL C 111 13.14 17.44 12.22
CA VAL C 111 13.47 16.12 11.79
C VAL C 111 13.24 15.20 13.03
N ASN C 112 12.30 14.25 12.89
CA ASN C 112 11.92 13.31 13.92
C ASN C 112 12.70 12.03 13.73
N ASN C 113 13.88 11.98 14.33
CA ASN C 113 14.86 10.93 14.07
C ASN C 113 15.01 10.03 15.25
N ALA C 114 14.92 10.56 16.50
CA ALA C 114 15.12 9.72 17.71
C ALA C 114 14.19 8.51 17.74
N SER C 115 14.71 7.40 18.25
CA SER C 115 14.08 6.12 18.04
C SER C 115 14.62 5.06 18.98
N ALA C 116 13.72 4.35 19.65
CA ALA C 116 14.08 3.22 20.51
C ALA C 116 13.81 1.98 19.70
N PHE C 117 14.59 0.92 19.95
CA PHE C 117 14.55 -0.22 19.06
C PHE C 117 14.93 -1.51 19.83
N TYR C 118 13.95 -2.38 20.10
CA TYR C 118 14.26 -3.64 20.73
C TYR C 118 13.05 -4.55 20.67
N PRO C 119 13.25 -5.86 20.90
CA PRO C 119 12.12 -6.81 20.78
C PRO C 119 11.16 -6.74 21.97
N THR C 120 9.88 -7.05 21.71
CA THR C 120 8.89 -7.16 22.75
C THR C 120 8.05 -8.38 22.37
N PRO C 121 8.57 -9.62 22.64
CA PRO C 121 7.84 -10.82 22.16
C PRO C 121 6.43 -10.90 22.71
N LEU C 122 5.53 -11.48 21.94
CA LEU C 122 4.14 -11.60 22.39
C LEU C 122 3.98 -12.79 23.35
N VAL C 123 4.94 -13.74 23.34
CA VAL C 123 4.88 -14.96 24.16
C VAL C 123 6.19 -15.20 24.91
N LYS C 134 12.41 -4.50 32.32
CA LYS C 134 11.50 -3.55 31.68
C LYS C 134 10.09 -4.07 31.71
N THR C 135 9.23 -3.32 32.38
CA THR C 135 7.81 -3.59 32.37
C THR C 135 7.23 -3.26 30.95
N VAL C 136 6.12 -3.92 30.63
CA VAL C 136 5.43 -3.72 29.38
C VAL C 136 5.07 -2.24 29.21
N GLU C 137 4.62 -1.59 30.28
CA GLU C 137 4.23 -0.18 30.15
C GLU C 137 5.43 0.79 29.95
N THR C 138 6.63 0.35 30.34
CA THR C 138 7.88 1.07 30.03
C THR C 138 8.28 0.88 28.52
N GLN C 139 8.22 -0.37 28.05
CA GLN C 139 8.25 -0.75 26.60
C GLN C 139 7.32 0.13 25.74
N VAL C 140 6.08 0.17 26.15
CA VAL C 140 5.07 1.04 25.50
C VAL C 140 5.55 2.50 25.51
N ALA C 141 5.88 3.01 26.68
CA ALA C 141 6.33 4.39 26.83
C ALA C 141 7.57 4.74 25.98
N GLU C 142 8.52 3.82 25.87
CA GLU C 142 9.67 4.01 24.99
C GLU C 142 9.32 3.77 23.53
N LEU C 143 8.78 2.60 23.18
CA LEU C 143 8.61 2.28 21.75
C LEU C 143 7.51 3.15 21.11
N ILE C 144 6.40 3.34 21.80
CA ILE C 144 5.33 4.15 21.24
C ILE C 144 5.62 5.63 21.53
N GLY C 145 6.12 5.92 22.74
CA GLY C 145 6.55 7.30 23.10
C GLY C 145 7.56 7.94 22.17
N THR C 146 8.75 7.36 22.05
CA THR C 146 9.79 8.05 21.28
C THR C 146 9.55 8.01 19.79
N ASN C 147 9.06 6.86 19.31
CA ASN C 147 8.79 6.62 17.91
C ASN C 147 7.53 7.30 17.37
N ALA C 148 6.56 7.63 18.20
CA ALA C 148 5.31 8.15 17.61
C ALA C 148 4.65 9.35 18.33
N ILE C 149 4.54 9.20 19.65
CA ILE C 149 3.92 10.23 20.49
C ILE C 149 4.80 11.47 20.59
N ALA C 150 6.10 11.30 20.87
CA ALA C 150 7.00 12.50 20.84
C ALA C 150 7.00 13.15 19.45
N PRO C 151 7.12 12.33 18.34
CA PRO C 151 6.95 13.00 17.03
C PRO C 151 5.60 13.73 16.86
N PHE C 152 4.51 13.23 17.46
CA PHE C 152 3.18 13.91 17.32
C PHE C 152 3.20 15.25 18.12
N LEU C 153 3.88 15.24 19.29
CA LEU C 153 3.83 16.38 20.19
C LEU C 153 4.74 17.45 19.66
N LEU C 154 5.95 17.05 19.27
CA LEU C 154 6.88 17.96 18.63
C LEU C 154 6.25 18.61 17.40
N THR C 155 5.46 17.86 16.64
CA THR C 155 4.80 18.33 15.41
C THR C 155 3.76 19.43 15.76
N MET C 156 2.99 19.17 16.80
CA MET C 156 2.00 20.06 17.39
C MET C 156 2.68 21.41 17.84
N SER C 157 3.74 21.30 18.64
CA SER C 157 4.51 22.45 19.13
C SER C 157 5.10 23.25 17.98
N PHE C 158 5.70 22.54 17.01
CA PHE C 158 6.22 23.15 15.77
C PHE C 158 5.16 23.93 15.03
N ALA C 159 3.99 23.34 14.83
CA ALA C 159 2.91 23.97 14.10
C ALA C 159 2.34 25.17 14.85
N GLN C 160 2.14 25.04 16.18
CA GLN C 160 1.52 26.07 17.02
C GLN C 160 2.33 27.38 16.99
N ARG C 161 3.64 27.24 17.04
CA ARG C 161 4.61 28.33 17.05
C ARG C 161 4.92 28.99 15.67
N GLN C 162 4.18 28.64 14.61
CA GLN C 162 4.24 29.45 13.38
C GLN C 162 2.92 30.22 13.25
N SER C 172 9.77 31.42 3.20
CA SER C 172 9.18 30.33 3.99
C SER C 172 9.18 28.96 3.29
N ASN C 173 10.04 28.07 3.77
CA ASN C 173 10.04 26.67 3.34
C ASN C 173 10.06 25.80 4.62
N LEU C 174 8.86 25.65 5.19
CA LEU C 174 8.65 24.89 6.47
C LEU C 174 8.24 23.43 6.20
N SER C 175 8.98 22.51 6.81
CA SER C 175 8.71 21.09 6.63
C SER C 175 9.16 20.26 7.83
N ILE C 176 8.51 19.09 7.99
CA ILE C 176 8.83 18.11 9.00
C ILE C 176 9.23 16.85 8.22
N VAL C 177 10.25 16.13 8.67
CA VAL C 177 10.65 14.89 8.04
C VAL C 177 10.68 13.83 9.15
N ASN C 178 9.92 12.72 9.02
CA ASN C 178 9.86 11.68 10.02
C ASN C 178 10.73 10.50 9.61
N LEU C 179 11.58 10.00 10.50
CA LEU C 179 12.43 8.83 10.16
C LEU C 179 11.55 7.58 10.32
N CYS C 180 11.24 6.93 9.19
CA CYS C 180 10.20 5.88 9.09
C CYS C 180 10.99 4.60 8.89
N ASP C 181 10.33 3.48 8.60
CA ASP C 181 11.03 2.22 8.42
C ASP C 181 10.58 1.58 7.11
N ALA C 182 11.53 1.17 6.24
CA ALA C 182 11.14 0.66 4.91
C ALA C 182 10.50 -0.72 5.00
N MET C 183 10.78 -1.43 6.09
CA MET C 183 10.31 -2.79 6.29
C MET C 183 9.04 -2.82 7.17
N VAL C 184 8.34 -1.70 7.24
CA VAL C 184 7.19 -1.57 8.06
C VAL C 184 6.07 -2.63 7.79
N ASP C 185 5.87 -3.02 6.53
CA ASP C 185 4.94 -4.11 6.24
C ASP C 185 5.54 -5.53 6.20
N GLN C 186 6.85 -5.66 6.42
CA GLN C 186 7.50 -6.97 6.57
C GLN C 186 8.27 -6.97 7.90
N PRO C 187 7.53 -6.85 9.01
CA PRO C 187 8.19 -6.59 10.29
C PRO C 187 9.12 -7.72 10.73
N CYS C 188 10.13 -7.38 11.53
CA CYS C 188 10.95 -8.38 12.22
C CYS C 188 10.10 -9.07 13.29
N MET C 189 10.33 -10.36 13.44
CA MET C 189 9.61 -11.19 14.39
C MET C 189 9.92 -10.80 15.85
N ALA C 190 8.89 -10.75 16.70
CA ALA C 190 9.00 -10.25 18.10
C ALA C 190 9.23 -8.74 18.26
N PHE C 191 9.03 -7.95 17.21
CA PHE C 191 9.21 -6.46 17.23
C PHE C 191 7.86 -5.74 17.12
N SER C 192 6.78 -6.32 17.66
CA SER C 192 5.44 -5.72 17.54
C SER C 192 5.27 -4.27 18.05
N LEU C 193 5.74 -3.97 19.27
CA LEU C 193 5.63 -2.57 19.73
C LEU C 193 6.42 -1.56 18.89
N TYR C 194 7.65 -1.95 18.49
CA TYR C 194 8.42 -1.18 17.54
C TYR C 194 7.65 -0.91 16.23
N ASN C 195 7.11 -1.98 15.65
CA ASN C 195 6.44 -1.96 14.38
C ASN C 195 5.17 -1.13 14.48
N MET C 196 4.48 -1.25 15.61
CA MET C 196 3.27 -0.46 15.89
C MET C 196 3.55 1.03 15.89
N GLY C 197 4.65 1.39 16.55
CA GLY C 197 5.15 2.76 16.64
C GLY C 197 5.54 3.33 15.28
N LYS C 198 6.15 2.49 14.44
CA LYS C 198 6.55 3.00 13.10
C LYS C 198 5.34 3.11 12.15
N HIS C 199 4.34 2.23 12.32
CA HIS C 199 3.06 2.40 11.60
C HIS C 199 2.33 3.64 12.02
N ALA C 200 2.34 3.87 13.34
CA ALA C 200 1.69 5.06 13.92
C ALA C 200 2.35 6.32 13.30
N LEU C 201 3.68 6.23 13.10
CA LEU C 201 4.48 7.32 12.48
C LEU C 201 4.09 7.59 11.04
N VAL C 202 3.77 6.51 10.31
CA VAL C 202 3.24 6.67 8.93
C VAL C 202 1.87 7.40 9.00
N GLY C 203 0.97 6.99 9.90
CA GLY C 203 -0.32 7.70 10.05
C GLY C 203 -0.08 9.15 10.41
N LEU C 204 0.85 9.44 11.32
CA LEU C 204 1.20 10.82 11.65
C LEU C 204 1.69 11.61 10.43
N THR C 205 2.56 10.99 9.65
CA THR C 205 3.12 11.63 8.47
C THR C 205 1.97 12.06 7.55
N GLN C 206 1.02 11.14 7.32
CA GLN C 206 -0.08 11.40 6.43
C GLN C 206 -1.07 12.38 7.00
N SER C 207 -1.48 12.20 8.25
CA SER C 207 -2.45 13.09 8.91
C SER C 207 -1.90 14.50 9.09
N ALA C 208 -0.66 14.60 9.57
CA ALA C 208 0.00 15.90 9.68
C ALA C 208 0.20 16.59 8.33
N ALA C 209 0.50 15.84 7.25
CA ALA C 209 0.69 16.44 5.91
C ALA C 209 -0.61 17.13 5.41
N LEU C 210 -1.72 16.45 5.61
CA LEU C 210 -3.05 16.93 5.22
C LEU C 210 -3.50 18.18 6.02
N GLU C 211 -3.45 18.09 7.35
CA GLU C 211 -3.88 19.15 8.26
C GLU C 211 -2.95 20.37 8.23
N LEU C 212 -1.65 20.17 8.07
CA LEU C 212 -0.71 21.30 8.08
C LEU C 212 -0.48 21.92 6.71
N ALA C 213 -0.99 21.26 5.67
CA ALA C 213 -0.82 21.77 4.32
C ALA C 213 -1.43 23.22 4.19
N PRO C 214 -2.67 23.48 4.72
CA PRO C 214 -3.14 24.90 4.72
C PRO C 214 -2.22 25.92 5.42
N TYR C 215 -1.28 25.48 6.22
CA TYR C 215 -0.29 26.38 6.83
C TYR C 215 1.04 26.45 6.09
N GLY C 216 1.16 25.85 4.89
CA GLY C 216 2.48 25.78 4.20
C GLY C 216 3.52 24.90 4.93
N ILE C 217 3.08 24.02 5.83
CA ILE C 217 4.02 23.11 6.46
C ILE C 217 3.92 21.80 5.71
N ARG C 218 5.05 21.32 5.18
CA ARG C 218 5.04 20.03 4.49
C ARG C 218 5.43 18.96 5.48
N VAL C 219 4.86 17.75 5.30
CA VAL C 219 5.26 16.63 6.18
C VAL C 219 5.56 15.40 5.36
N ASN C 220 6.78 14.86 5.54
CA ASN C 220 7.24 13.77 4.71
C ASN C 220 8.06 12.79 5.54
N GLY C 221 8.46 11.69 4.92
CA GLY C 221 9.27 10.75 5.66
C GLY C 221 10.36 10.20 4.81
N VAL C 222 11.36 9.62 5.48
CA VAL C 222 12.46 8.93 4.86
C VAL C 222 12.54 7.61 5.59
N ALA C 223 12.59 6.53 4.82
CA ALA C 223 12.47 5.23 5.42
C ALA C 223 13.75 4.46 5.12
N PRO C 224 14.67 4.36 6.09
CA PRO C 224 15.85 3.46 5.84
C PRO C 224 15.51 1.98 5.86
N GLY C 225 16.41 1.16 5.34
CA GLY C 225 16.24 -0.29 5.46
C GLY C 225 17.17 -0.74 6.55
N VAL C 226 18.26 -1.36 6.15
CA VAL C 226 19.41 -1.46 7.00
C VAL C 226 20.29 -0.28 6.59
N SER C 227 20.54 0.57 7.57
CA SER C 227 21.63 1.53 7.52
C SER C 227 22.61 0.94 8.52
N LEU C 228 23.40 1.81 9.18
CA LEU C 228 24.30 1.44 10.30
C LEU C 228 23.52 0.59 11.35
N LEU C 229 23.80 -0.72 11.37
CA LEU C 229 23.10 -1.70 12.23
C LEU C 229 23.47 -1.45 13.71
N PRO C 230 22.58 -1.84 14.68
CA PRO C 230 22.90 -1.75 16.14
C PRO C 230 24.34 -2.18 16.52
N VAL C 231 25.08 -1.26 17.14
CA VAL C 231 26.48 -1.46 17.56
C VAL C 231 26.68 -2.58 18.57
N ALA C 232 25.58 -3.03 19.20
CA ALA C 232 25.56 -4.23 20.07
C ALA C 232 25.34 -5.53 19.28
N MET C 233 24.54 -5.45 18.20
CA MET C 233 24.25 -6.58 17.29
C MET C 233 25.55 -7.16 16.73
N GLY C 234 25.65 -8.49 16.75
CA GLY C 234 26.83 -9.23 16.31
C GLY C 234 27.33 -8.95 14.90
N GLU C 235 28.49 -9.50 14.57
CA GLU C 235 29.18 -9.22 13.31
C GLU C 235 28.76 -10.10 12.11
N GLU C 236 28.66 -11.41 12.30
CA GLU C 236 28.13 -12.33 11.27
C GLU C 236 26.65 -12.00 10.87
N GLU C 237 25.87 -11.48 11.84
CA GLU C 237 24.49 -10.95 11.63
C GLU C 237 24.44 -9.72 10.69
N LYS C 238 25.43 -8.83 10.78
CA LYS C 238 25.55 -7.65 9.90
C LYS C 238 25.97 -7.96 8.45
N ASP C 239 26.78 -9.00 8.25
CA ASP C 239 27.13 -9.44 6.88
C ASP C 239 25.96 -10.16 6.20
N LYS C 240 25.07 -10.77 7.02
CA LYS C 240 23.87 -11.48 6.54
C LYS C 240 22.85 -10.54 5.86
N TRP C 241 22.72 -9.33 6.43
CA TRP C 241 21.86 -8.24 5.91
C TRP C 241 22.34 -7.65 4.58
N ARG C 242 23.61 -7.21 4.54
CA ARG C 242 24.27 -6.72 3.32
C ARG C 242 24.09 -7.67 2.12
N ARG C 243 24.09 -8.97 2.39
CA ARG C 243 23.96 -10.06 1.40
C ARG C 243 22.58 -10.15 0.68
N LYS C 244 21.52 -9.70 1.37
CA LYS C 244 20.15 -9.69 0.81
C LYS C 244 19.80 -8.40 0.05
N VAL C 245 20.51 -7.30 0.35
CA VAL C 245 20.29 -6.00 -0.25
C VAL C 245 20.60 -6.03 -1.75
N PRO C 246 19.62 -5.69 -2.60
CA PRO C 246 19.87 -5.75 -4.04
C PRO C 246 20.95 -4.80 -4.53
N LEU C 247 20.95 -3.54 -4.07
CA LEU C 247 21.99 -2.57 -4.38
C LEU C 247 23.16 -2.70 -3.41
N GLY C 248 23.53 -3.94 -3.09
CA GLY C 248 24.25 -4.28 -1.85
C GLY C 248 25.75 -4.23 -2.00
N ARG C 249 26.21 -4.05 -3.24
CA ARG C 249 27.63 -3.91 -3.56
C ARG C 249 28.16 -2.58 -3.01
N ARG C 250 27.24 -1.71 -2.57
CA ARG C 250 27.57 -0.50 -1.81
C ARG C 250 27.34 -0.70 -0.30
N GLU C 251 28.09 0.08 0.49
CA GLU C 251 27.73 0.29 1.89
C GLU C 251 26.47 1.18 1.98
N ALA C 252 25.52 0.71 2.82
CA ALA C 252 24.46 1.58 3.31
C ALA C 252 25.17 2.58 4.24
N SER C 253 24.78 3.85 4.22
CA SER C 253 25.44 4.81 5.06
C SER C 253 24.47 5.86 5.59
N ALA C 254 24.87 6.48 6.68
CA ALA C 254 24.10 7.52 7.34
C ALA C 254 23.95 8.70 6.44
N GLU C 255 24.96 8.98 5.62
CA GLU C 255 24.88 10.15 4.68
C GLU C 255 23.85 9.99 3.59
N GLN C 256 23.72 8.76 3.10
CA GLN C 256 22.64 8.38 2.09
C GLN C 256 21.28 8.72 2.65
N ILE C 257 21.06 8.41 3.94
CA ILE C 257 19.80 8.86 4.63
C ILE C 257 19.62 10.34 4.64
N ALA C 258 20.68 11.01 5.07
CA ALA C 258 20.69 12.45 5.19
C ALA C 258 20.41 13.15 3.88
N ASP C 259 21.04 12.66 2.80
CA ASP C 259 20.75 13.14 1.41
C ASP C 259 19.24 13.26 1.11
N ALA C 260 18.50 12.20 1.44
CA ALA C 260 17.06 12.17 1.22
C ALA C 260 16.29 13.22 2.03
N VAL C 261 16.70 13.39 3.30
CA VAL C 261 16.19 14.50 4.16
C VAL C 261 16.50 15.87 3.60
N ILE C 262 17.76 16.07 3.22
CA ILE C 262 18.19 17.32 2.50
C ILE C 262 17.28 17.61 1.28
N PHE C 263 17.04 16.59 0.43
CA PHE C 263 16.11 16.75 -0.69
C PHE C 263 14.72 17.30 -0.22
N LEU C 264 14.12 16.63 0.79
CA LEU C 264 12.74 16.90 1.23
C LEU C 264 12.57 18.24 1.89
N VAL C 265 13.62 18.67 2.63
CA VAL C 265 13.67 20.06 3.16
C VAL C 265 13.82 21.18 2.12
N SER C 266 14.46 20.86 0.97
CA SER C 266 14.89 21.83 -0.03
C SER C 266 13.73 22.45 -0.83
N GLY C 267 14.01 23.51 -1.61
CA GLY C 267 13.05 24.10 -2.57
C GLY C 267 12.73 23.22 -3.79
N SER C 268 13.55 22.18 -4.03
CA SER C 268 13.25 21.07 -4.98
C SER C 268 12.11 20.11 -4.59
N ALA C 269 11.63 20.21 -3.34
CA ALA C 269 10.52 19.38 -2.85
C ALA C 269 9.36 20.23 -2.42
N GLN C 270 9.22 21.44 -2.98
CA GLN C 270 8.14 22.34 -2.50
C GLN C 270 6.74 21.88 -2.75
N TYR C 271 6.59 20.95 -3.65
CA TYR C 271 5.27 20.39 -3.87
C TYR C 271 5.05 18.98 -3.21
N ILE C 272 6.07 18.45 -2.54
CA ILE C 272 6.01 17.12 -2.00
C ILE C 272 5.55 17.19 -0.53
N THR C 273 4.37 16.63 -0.26
CA THR C 273 3.95 16.41 1.12
C THR C 273 3.20 15.06 1.22
N GLY C 274 3.30 14.40 2.37
CA GLY C 274 2.64 13.10 2.55
C GLY C 274 3.38 11.96 1.85
N SER C 275 4.63 12.21 1.45
CA SER C 275 5.41 11.21 0.78
C SER C 275 6.43 10.65 1.71
N ILE C 276 6.69 9.37 1.52
CA ILE C 276 7.66 8.63 2.31
C ILE C 276 8.60 8.04 1.29
N ILE C 277 9.87 8.49 1.29
CA ILE C 277 10.91 7.97 0.40
C ILE C 277 11.69 6.81 0.98
N LYS C 278 11.66 5.66 0.35
CA LYS C 278 12.49 4.55 0.83
C LYS C 278 13.93 4.77 0.38
N VAL C 279 14.86 4.60 1.32
CA VAL C 279 16.29 4.61 1.05
C VAL C 279 16.85 3.27 1.58
N ASP C 280 16.72 2.20 0.81
CA ASP C 280 16.95 0.87 1.36
C ASP C 280 17.64 -0.06 0.38
N GLY C 281 18.19 0.52 -0.69
CA GLY C 281 18.76 -0.24 -1.79
C GLY C 281 17.94 -1.38 -2.34
N GLY C 282 16.62 -1.24 -2.29
CA GLY C 282 15.71 -2.25 -2.86
C GLY C 282 15.31 -3.36 -1.92
N LEU C 283 15.76 -3.31 -0.67
CA LEU C 283 15.54 -4.39 0.29
C LEU C 283 14.05 -4.74 0.51
N SER C 284 13.19 -3.71 0.58
CA SER C 284 11.76 -3.97 0.80
C SER C 284 11.13 -4.74 -0.36
N LEU C 285 11.79 -4.77 -1.50
CA LEU C 285 11.30 -5.53 -2.64
C LEU C 285 11.58 -7.02 -2.62
N VAL C 286 12.48 -7.49 -1.74
CA VAL C 286 12.93 -8.86 -1.79
C VAL C 286 11.97 -9.76 -0.98
N HIS C 287 11.44 -10.77 -1.65
CA HIS C 287 10.55 -11.73 -0.99
C HIS C 287 11.37 -12.70 -0.12
N ALA C 288 10.66 -13.46 0.71
CA ALA C 288 11.28 -14.42 1.63
C ALA C 288 12.13 -15.48 0.90
N GLU D 22 32.84 12.03 -21.47
CA GLU D 22 32.23 13.40 -21.54
C GLU D 22 31.12 13.62 -20.48
N ALA D 23 30.18 14.52 -20.82
CA ALA D 23 28.92 14.69 -20.15
C ALA D 23 28.10 13.35 -20.23
N PRO D 24 27.40 12.94 -19.13
CA PRO D 24 26.55 11.74 -19.29
C PRO D 24 25.35 12.05 -20.22
N ALA D 25 24.65 10.99 -20.64
CA ALA D 25 23.42 11.21 -21.49
C ALA D 25 22.15 10.46 -21.04
N ALA D 26 21.04 11.08 -21.46
CA ALA D 26 19.69 10.73 -21.08
C ALA D 26 18.70 10.76 -22.29
N VAL D 27 17.82 9.75 -22.31
CA VAL D 27 16.66 9.72 -23.17
C VAL D 27 15.44 10.12 -22.34
N VAL D 28 14.66 11.06 -22.84
CA VAL D 28 13.41 11.40 -22.21
C VAL D 28 12.31 11.17 -23.26
N THR D 29 11.31 10.31 -22.98
CA THR D 29 10.27 10.04 -23.97
C THR D 29 9.20 11.12 -23.85
N GLY D 30 8.51 11.44 -24.92
CA GLY D 30 7.41 12.45 -24.87
C GLY D 30 7.99 13.76 -24.32
N ALA D 31 9.14 14.16 -24.84
CA ALA D 31 9.89 15.25 -24.24
C ALA D 31 9.70 16.60 -24.97
N ALA D 32 8.74 16.68 -25.88
CA ALA D 32 8.61 17.87 -26.72
C ALA D 32 7.90 18.90 -25.93
N LYS D 33 6.94 18.45 -25.15
CA LYS D 33 6.04 19.38 -24.46
C LYS D 33 5.94 19.05 -22.99
N ARG D 34 5.39 20.00 -22.25
CA ARG D 34 4.91 19.87 -20.88
C ARG D 34 5.94 19.23 -19.95
N ILE D 35 5.56 18.16 -19.24
CA ILE D 35 6.42 17.64 -18.17
C ILE D 35 7.70 17.05 -18.74
N GLY D 36 7.56 16.30 -19.83
CA GLY D 36 8.77 15.75 -20.45
C GLY D 36 9.78 16.86 -20.88
N ARG D 37 9.25 18.01 -21.32
CA ARG D 37 10.14 19.14 -21.72
C ARG D 37 10.98 19.67 -20.56
N ALA D 38 10.29 20.00 -19.47
CA ALA D 38 10.92 20.47 -18.23
C ALA D 38 11.94 19.44 -17.72
N ILE D 39 11.70 18.11 -17.91
CA ILE D 39 12.65 17.09 -17.43
C ILE D 39 13.92 17.17 -18.28
N ALA D 40 13.69 17.32 -19.59
CA ALA D 40 14.75 17.46 -20.59
C ALA D 40 15.58 18.75 -20.35
N VAL D 41 14.91 19.89 -20.21
CA VAL D 41 15.63 21.12 -19.91
C VAL D 41 16.55 20.96 -18.68
N LYS D 42 15.96 20.47 -17.58
CA LYS D 42 16.61 20.43 -16.28
C LYS D 42 17.68 19.32 -16.26
N LEU D 43 17.52 18.24 -17.01
CA LEU D 43 18.66 17.32 -17.10
C LEU D 43 19.84 17.97 -17.90
N HIS D 44 19.48 18.75 -18.93
CA HIS D 44 20.47 19.48 -19.76
C HIS D 44 21.26 20.54 -18.91
N GLN D 45 20.50 21.38 -18.17
CA GLN D 45 21.05 22.24 -17.13
C GLN D 45 22.03 21.64 -16.13
N THR D 46 21.89 20.36 -15.84
CA THR D 46 22.69 19.58 -14.89
C THR D 46 23.93 19.00 -15.58
N GLY D 47 24.00 19.21 -16.89
CA GLY D 47 25.12 18.72 -17.68
C GLY D 47 24.89 17.47 -18.51
N TYR D 48 23.64 17.02 -18.65
CA TYR D 48 23.35 15.84 -19.48
C TYR D 48 23.27 16.26 -20.90
N ARG D 49 23.81 15.38 -21.72
CA ARG D 49 23.33 15.37 -23.12
C ARG D 49 21.98 14.57 -23.26
N VAL D 50 21.02 15.14 -24.03
CA VAL D 50 19.68 14.64 -24.13
C VAL D 50 19.21 14.10 -25.51
N VAL D 51 18.44 12.99 -25.50
CA VAL D 51 17.65 12.57 -26.66
C VAL D 51 16.23 12.99 -26.36
N ILE D 52 15.73 13.91 -27.16
CA ILE D 52 14.32 14.32 -27.08
C ILE D 52 13.44 13.46 -27.97
N HIS D 53 12.83 12.40 -27.38
CA HIS D 53 11.86 11.58 -28.12
C HIS D 53 10.52 12.33 -28.32
N TYR D 54 9.93 12.16 -29.51
CA TYR D 54 8.57 12.74 -29.73
C TYR D 54 7.74 11.77 -30.62
N HIS D 55 6.45 11.97 -30.65
CA HIS D 55 5.64 11.20 -31.55
C HIS D 55 5.15 12.15 -32.65
N ASN D 56 4.15 13.01 -32.37
CA ASN D 56 3.66 14.00 -33.34
C ASN D 56 4.35 15.38 -33.27
N SER D 57 4.78 15.79 -32.09
CA SER D 57 5.18 17.17 -31.86
C SER D 57 6.58 17.45 -32.41
N ALA D 58 6.66 17.47 -33.74
CA ALA D 58 7.91 17.64 -34.47
C ALA D 58 8.53 19.04 -34.35
N GLU D 59 7.72 20.09 -34.52
CA GLU D 59 8.21 21.47 -34.36
C GLU D 59 8.81 21.71 -32.98
N ALA D 60 7.99 21.50 -31.94
CA ALA D 60 8.36 21.53 -30.52
C ALA D 60 9.65 20.76 -30.25
N ALA D 61 9.74 19.51 -30.75
CA ALA D 61 10.92 18.72 -30.44
C ALA D 61 12.20 19.36 -31.02
N VAL D 62 12.13 19.76 -32.28
CA VAL D 62 13.28 20.30 -33.03
C VAL D 62 13.70 21.63 -32.41
N SER D 63 12.70 22.43 -32.07
CA SER D 63 12.92 23.73 -31.46
C SER D 63 13.58 23.63 -30.05
N LEU D 64 13.13 22.70 -29.21
CA LEU D 64 13.84 22.41 -27.97
C LEU D 64 15.31 21.98 -28.20
N ALA D 65 15.58 21.09 -29.16
CA ALA D 65 17.01 20.67 -29.42
C ALA D 65 17.89 21.86 -29.93
N ASP D 66 17.26 22.77 -30.69
CA ASP D 66 17.89 24.02 -31.15
C ASP D 66 18.33 24.87 -29.94
N GLU D 67 17.40 25.09 -29.02
CA GLU D 67 17.66 25.84 -27.79
C GLU D 67 18.73 25.21 -26.93
N LEU D 68 18.70 23.89 -26.83
CA LEU D 68 19.74 23.22 -26.01
C LEU D 68 21.11 23.18 -26.71
N ASN D 69 21.11 23.07 -28.04
CA ASN D 69 22.36 23.05 -28.75
C ASN D 69 23.01 24.44 -28.84
N LYS D 70 22.17 25.48 -28.94
CA LYS D 70 22.59 26.87 -28.79
C LYS D 70 23.34 27.10 -27.45
N GLU D 71 22.76 26.64 -26.34
CA GLU D 71 23.40 26.65 -25.03
C GLU D 71 24.74 25.88 -24.95
N ARG D 72 24.76 24.64 -25.41
CA ARG D 72 25.98 23.85 -25.52
C ARG D 72 25.85 23.00 -26.78
N SER D 73 26.71 23.25 -27.75
CA SER D 73 26.64 22.59 -29.03
C SER D 73 26.84 21.08 -28.88
N ASN D 74 26.11 20.32 -29.70
CA ASN D 74 26.23 18.86 -29.75
C ASN D 74 25.70 18.21 -28.50
N THR D 75 24.60 18.75 -27.93
CA THR D 75 24.11 18.19 -26.64
C THR D 75 22.69 17.61 -26.66
N ALA D 76 22.01 17.74 -27.79
CA ALA D 76 20.59 17.54 -27.90
C ALA D 76 20.30 16.99 -29.31
N VAL D 77 19.66 15.82 -29.40
CA VAL D 77 19.09 15.30 -30.67
C VAL D 77 17.63 15.01 -30.47
N VAL D 78 16.83 15.06 -31.54
CA VAL D 78 15.50 14.45 -31.52
C VAL D 78 15.47 12.99 -32.04
N CYS D 79 14.34 12.29 -31.73
CA CYS D 79 14.09 10.90 -32.17
C CYS D 79 12.61 10.66 -32.14
N GLN D 80 12.08 10.36 -33.30
CA GLN D 80 10.63 10.20 -33.48
C GLN D 80 10.29 8.70 -33.40
N ALA D 81 9.28 8.37 -32.59
CA ALA D 81 8.68 7.04 -32.57
C ALA D 81 7.26 7.07 -32.07
N ASP D 82 6.44 6.13 -32.54
CA ASP D 82 5.09 5.93 -32.06
C ASP D 82 5.30 4.85 -30.99
N LEU D 83 4.73 5.04 -29.80
CA LEU D 83 4.96 4.11 -28.70
C LEU D 83 3.74 3.22 -28.36
N THR D 84 2.83 3.19 -29.32
CA THR D 84 1.71 2.30 -29.37
C THR D 84 2.25 0.91 -29.48
N ASN D 85 1.70 -0.01 -28.69
CA ASN D 85 2.04 -1.43 -28.82
C ASN D 85 1.66 -1.98 -30.21
N SER D 86 2.55 -2.82 -30.73
CA SER D 86 2.48 -3.40 -32.07
C SER D 86 3.69 -4.29 -32.18
N ASN D 87 3.78 -5.09 -33.23
CA ASN D 87 4.89 -6.05 -33.37
C ASN D 87 6.18 -5.35 -33.76
N VAL D 88 6.09 -4.07 -34.14
CA VAL D 88 7.31 -3.27 -34.30
C VAL D 88 7.70 -2.40 -33.07
N LEU D 89 6.93 -2.44 -32.00
CA LEU D 89 7.29 -1.59 -30.81
C LEU D 89 8.68 -1.94 -30.25
N PRO D 90 9.06 -3.23 -30.18
CA PRO D 90 10.48 -3.51 -29.77
C PRO D 90 11.58 -2.84 -30.58
N ALA D 91 11.45 -2.79 -31.90
CA ALA D 91 12.43 -2.13 -32.75
C ALA D 91 12.36 -0.64 -32.52
N SER D 92 11.14 -0.03 -32.40
CA SER D 92 11.14 1.40 -32.11
C SER D 92 11.87 1.78 -30.80
N CYS D 93 11.59 1.04 -29.74
CA CYS D 93 12.24 1.20 -28.43
C CYS D 93 13.74 0.92 -28.51
N GLU D 94 14.16 -0.15 -29.19
CA GLU D 94 15.58 -0.37 -29.48
C GLU D 94 16.19 0.84 -30.21
N GLU D 95 15.43 1.45 -31.13
CA GLU D 95 15.91 2.57 -31.89
C GLU D 95 16.12 3.80 -31.04
N ILE D 96 15.21 4.09 -30.10
CA ILE D 96 15.36 5.26 -29.18
C ILE D 96 16.64 5.13 -28.34
N ILE D 97 16.83 3.95 -27.75
CA ILE D 97 18.08 3.67 -27.08
C ILE D 97 19.27 3.82 -28.02
N ASN D 98 19.33 3.05 -29.13
CA ASN D 98 20.43 3.17 -30.15
C ASN D 98 20.71 4.62 -30.50
N SER D 99 19.68 5.43 -30.63
CA SER D 99 19.91 6.76 -31.11
C SER D 99 20.71 7.60 -30.09
N CYS D 100 20.63 7.23 -28.81
CA CYS D 100 21.41 7.92 -27.79
C CYS D 100 22.88 7.46 -27.85
N PHE D 101 23.11 6.17 -27.97
CA PHE D 101 24.47 5.69 -28.23
C PHE D 101 25.12 6.27 -29.53
N ARG D 102 24.29 6.58 -30.55
CA ARG D 102 24.82 7.04 -31.83
C ARG D 102 25.26 8.48 -31.68
N ALA D 103 24.40 9.30 -31.07
CA ALA D 103 24.77 10.69 -30.82
C ALA D 103 25.88 10.78 -29.78
N PHE D 104 25.79 10.03 -28.67
CA PHE D 104 26.65 10.39 -27.55
C PHE D 104 27.58 9.31 -27.06
N GLY D 105 27.56 8.16 -27.67
CA GLY D 105 28.46 7.09 -27.19
C GLY D 105 28.08 6.39 -25.89
N ARG D 106 26.95 6.78 -25.28
CA ARG D 106 26.52 6.20 -23.99
C ARG D 106 25.05 6.52 -23.71
N CYS D 107 24.52 5.89 -22.66
CA CYS D 107 23.16 6.20 -22.23
C CYS D 107 23.12 5.88 -20.76
N ASP D 108 23.06 6.94 -19.97
CA ASP D 108 23.19 6.84 -18.50
C ASP D 108 21.81 6.82 -17.82
N VAL D 109 20.88 7.59 -18.40
CA VAL D 109 19.56 7.83 -17.84
C VAL D 109 18.45 7.57 -18.91
N LEU D 110 17.40 6.85 -18.50
CA LEU D 110 16.18 6.71 -19.27
C LEU D 110 15.05 7.29 -18.41
N VAL D 111 14.30 8.22 -18.96
CA VAL D 111 13.10 8.69 -18.33
C VAL D 111 11.88 8.27 -19.20
N ASN D 112 11.04 7.36 -18.65
CA ASN D 112 9.73 6.98 -19.25
C ASN D 112 8.62 7.92 -18.93
N ASN D 113 8.39 8.91 -19.78
CA ASN D 113 7.43 9.97 -19.52
C ASN D 113 6.24 9.97 -20.48
N ALA D 114 6.45 9.53 -21.74
CA ALA D 114 5.39 9.54 -22.75
C ALA D 114 4.16 8.77 -22.29
N SER D 115 2.96 9.25 -22.61
CA SER D 115 1.75 8.66 -22.03
C SER D 115 0.46 9.09 -22.74
N ALA D 116 -0.37 8.11 -23.12
CA ALA D 116 -1.72 8.34 -23.58
C ALA D 116 -2.62 8.37 -22.37
N PHE D 117 -3.70 9.14 -22.50
CA PHE D 117 -4.54 9.36 -21.38
C PHE D 117 -5.87 9.84 -21.88
N TYR D 118 -6.90 9.02 -21.69
CA TYR D 118 -8.25 9.26 -22.15
C TYR D 118 -9.21 8.16 -21.57
N PRO D 119 -10.50 8.51 -21.38
CA PRO D 119 -11.43 7.55 -20.75
C PRO D 119 -11.64 6.30 -21.56
N THR D 120 -11.94 5.17 -20.92
CA THR D 120 -12.36 3.95 -21.60
C THR D 120 -13.47 3.31 -20.75
N PRO D 121 -14.72 3.87 -20.84
CA PRO D 121 -15.84 3.38 -19.99
C PRO D 121 -16.04 1.88 -20.22
N LEU D 122 -16.42 1.15 -19.17
CA LEU D 122 -16.68 -0.28 -19.22
C LEU D 122 -18.09 -0.56 -19.72
N VAL D 123 -19.03 0.41 -19.53
CA VAL D 123 -20.42 0.24 -20.05
C VAL D 123 -20.75 1.22 -21.18
N GLY D 133 -13.44 7.62 -31.09
CA GLY D 133 -13.99 6.57 -31.94
C GLY D 133 -13.04 5.41 -32.21
N LYS D 134 -12.07 5.19 -31.30
CA LYS D 134 -11.10 4.08 -31.43
C LYS D 134 -11.72 2.69 -31.18
N THR D 135 -11.20 1.65 -31.82
CA THR D 135 -11.56 0.30 -31.46
C THR D 135 -10.96 -0.01 -30.07
N VAL D 136 -11.48 -1.03 -29.42
CA VAL D 136 -10.94 -1.45 -28.13
C VAL D 136 -9.45 -1.91 -28.25
N GLU D 137 -9.09 -2.55 -29.36
CA GLU D 137 -7.70 -2.99 -29.52
C GLU D 137 -6.70 -1.86 -29.74
N THR D 138 -7.18 -0.74 -30.30
CA THR D 138 -6.34 0.45 -30.39
C THR D 138 -6.15 1.11 -29.01
N GLN D 139 -7.26 1.25 -28.27
CA GLN D 139 -7.21 1.70 -26.90
C GLN D 139 -6.22 0.93 -26.01
N VAL D 140 -6.24 -0.38 -26.12
CA VAL D 140 -5.33 -1.25 -25.35
C VAL D 140 -3.92 -0.96 -25.82
N ALA D 141 -3.71 -0.93 -27.15
CA ALA D 141 -2.41 -0.60 -27.71
C ALA D 141 -1.83 0.72 -27.28
N GLU D 142 -2.64 1.76 -27.19
CA GLU D 142 -2.14 3.08 -26.81
C GLU D 142 -2.00 3.25 -25.32
N LEU D 143 -3.03 2.88 -24.55
CA LEU D 143 -2.96 3.07 -23.11
C LEU D 143 -2.00 2.04 -22.42
N ILE D 144 -2.02 0.78 -22.83
CA ILE D 144 -1.12 -0.18 -22.20
C ILE D 144 0.25 -0.15 -22.92
N GLY D 145 0.25 0.05 -24.24
CA GLY D 145 1.54 0.21 -25.02
C GLY D 145 2.41 1.31 -24.51
N THR D 146 1.89 2.56 -24.52
CA THR D 146 2.69 3.71 -24.14
C THR D 146 3.02 3.76 -22.67
N ASN D 147 2.07 3.38 -21.82
CA ASN D 147 2.17 3.56 -20.40
C ASN D 147 2.92 2.43 -19.76
N ALA D 148 3.05 1.30 -20.43
CA ALA D 148 3.67 0.16 -19.74
C ALA D 148 4.56 -0.67 -20.64
N ILE D 149 4.08 -1.06 -21.80
CA ILE D 149 4.86 -1.97 -22.66
C ILE D 149 6.10 -1.25 -23.21
N ALA D 150 5.90 -0.04 -23.69
CA ALA D 150 7.10 0.71 -24.18
C ALA D 150 8.11 0.96 -23.04
N PRO D 151 7.63 1.46 -21.85
CA PRO D 151 8.62 1.48 -20.75
C PRO D 151 9.37 0.12 -20.50
N PHE D 152 8.69 -1.03 -20.57
CA PHE D 152 9.35 -2.32 -20.40
C PHE D 152 10.39 -2.61 -21.53
N LEU D 153 10.02 -2.35 -22.78
CA LEU D 153 10.98 -2.53 -23.90
C LEU D 153 12.15 -1.57 -23.86
N LEU D 154 11.88 -0.30 -23.55
CA LEU D 154 12.95 0.70 -23.39
C LEU D 154 13.94 0.30 -22.31
N THR D 155 13.42 -0.17 -21.18
CA THR D 155 14.18 -0.65 -20.05
C THR D 155 15.05 -1.82 -20.48
N MET D 156 14.45 -2.78 -21.18
CA MET D 156 15.17 -3.94 -21.69
C MET D 156 16.31 -3.50 -22.65
N SER D 157 16.01 -2.58 -23.58
CA SER D 157 17.03 -2.13 -24.52
C SER D 157 18.16 -1.38 -23.77
N PHE D 158 17.76 -0.47 -22.85
CA PHE D 158 18.69 0.34 -22.04
C PHE D 158 19.68 -0.60 -21.33
N ALA D 159 19.16 -1.63 -20.70
CA ALA D 159 20.00 -2.53 -19.89
C ALA D 159 20.93 -3.38 -20.76
N GLN D 160 20.41 -3.89 -21.86
CA GLN D 160 21.15 -4.72 -22.82
C GLN D 160 22.33 -3.99 -23.37
N ARG D 161 22.16 -2.73 -23.79
CA ARG D 161 23.31 -1.98 -24.28
C ARG D 161 24.45 -1.83 -23.23
N GLN D 162 24.11 -1.72 -21.94
CA GLN D 162 25.17 -1.67 -20.91
C GLN D 162 25.76 -3.06 -20.65
N SER D 172 30.23 5.38 -12.71
CA SER D 172 29.00 5.65 -13.48
C SER D 172 27.75 5.45 -12.62
N ASN D 173 26.74 6.28 -12.89
CA ASN D 173 25.49 6.30 -12.14
C ASN D 173 24.32 6.08 -13.12
N LEU D 174 24.04 4.81 -13.36
CA LEU D 174 22.97 4.45 -14.31
C LEU D 174 21.60 4.38 -13.62
N SER D 175 20.59 5.04 -14.21
CA SER D 175 19.22 4.89 -13.64
C SER D 175 18.05 5.18 -14.60
N ILE D 176 16.89 4.67 -14.21
CA ILE D 176 15.69 4.79 -14.99
C ILE D 176 14.67 5.53 -14.12
N VAL D 177 13.92 6.46 -14.68
CA VAL D 177 12.85 7.05 -13.87
C VAL D 177 11.59 6.85 -14.65
N ASN D 178 10.57 6.21 -14.03
CA ASN D 178 9.27 6.09 -14.67
C ASN D 178 8.30 7.16 -14.18
N LEU D 179 7.52 7.76 -15.06
CA LEU D 179 6.44 8.67 -14.61
C LEU D 179 5.16 7.89 -14.30
N CYS D 180 4.77 7.85 -13.04
CA CYS D 180 3.68 7.01 -12.56
C CYS D 180 2.47 7.96 -12.30
N ASP D 181 1.53 7.60 -11.45
CA ASP D 181 0.38 8.42 -11.16
C ASP D 181 0.07 8.33 -9.66
N ALA D 182 0.13 9.47 -8.92
CA ALA D 182 -0.14 9.41 -7.46
C ALA D 182 -1.57 8.92 -7.14
N MET D 183 -2.42 8.90 -8.15
CA MET D 183 -3.85 8.57 -7.96
C MET D 183 -4.18 7.11 -8.40
N VAL D 184 -3.17 6.28 -8.47
CA VAL D 184 -3.30 4.97 -9.09
C VAL D 184 -4.27 4.07 -8.30
N ASP D 185 -4.36 4.26 -6.96
CA ASP D 185 -5.31 3.50 -6.13
C ASP D 185 -6.65 4.22 -5.83
N GLN D 186 -6.83 5.42 -6.38
CA GLN D 186 -8.07 6.16 -6.30
C GLN D 186 -8.33 6.62 -7.74
N PRO D 187 -8.67 5.67 -8.62
CA PRO D 187 -8.72 6.04 -10.01
C PRO D 187 -9.90 6.96 -10.34
N CYS D 188 -9.76 7.75 -11.40
CA CYS D 188 -10.90 8.43 -12.04
C CYS D 188 -11.87 7.40 -12.64
N MET D 189 -13.14 7.68 -12.53
CA MET D 189 -14.16 6.79 -13.06
C MET D 189 -14.04 6.76 -14.58
N ALA D 190 -14.12 5.56 -15.15
CA ALA D 190 -14.06 5.29 -16.59
C ALA D 190 -12.67 5.38 -17.22
N PHE D 191 -11.64 5.47 -16.40
CA PHE D 191 -10.24 5.36 -16.87
C PHE D 191 -9.54 4.00 -16.60
N SER D 192 -10.27 2.90 -16.72
CA SER D 192 -9.72 1.58 -16.30
C SER D 192 -8.44 1.17 -17.04
N LEU D 193 -8.48 1.23 -18.37
CA LEU D 193 -7.29 0.91 -19.15
C LEU D 193 -6.07 1.78 -18.86
N TYR D 194 -6.27 3.09 -18.77
CA TYR D 194 -5.19 3.94 -18.28
C TYR D 194 -4.65 3.49 -16.91
N ASN D 195 -5.57 3.23 -15.97
CA ASN D 195 -5.19 2.99 -14.61
C ASN D 195 -4.40 1.65 -14.56
N MET D 196 -4.82 0.69 -15.42
CA MET D 196 -4.22 -0.61 -15.48
C MET D 196 -2.79 -0.41 -15.99
N GLY D 197 -2.61 0.49 -16.97
CA GLY D 197 -1.26 0.73 -17.51
C GLY D 197 -0.34 1.35 -16.46
N LYS D 198 -0.86 2.28 -15.71
CA LYS D 198 -0.06 2.90 -14.64
C LYS D 198 0.26 1.94 -13.53
N HIS D 199 -0.71 1.07 -13.20
CA HIS D 199 -0.44 0.04 -12.23
C HIS D 199 0.70 -0.89 -12.72
N ALA D 200 0.64 -1.27 -14.00
CA ALA D 200 1.69 -2.10 -14.62
C ALA D 200 3.07 -1.43 -14.55
N LEU D 201 3.06 -0.12 -14.70
CA LEU D 201 4.29 0.68 -14.63
C LEU D 201 4.90 0.62 -13.21
N VAL D 202 4.03 0.63 -12.19
CA VAL D 202 4.48 0.39 -10.77
C VAL D 202 5.18 -0.99 -10.68
N GLY D 203 4.55 -2.06 -11.17
CA GLY D 203 5.19 -3.36 -11.20
C GLY D 203 6.49 -3.39 -11.96
N LEU D 204 6.56 -2.80 -13.16
CA LEU D 204 7.81 -2.68 -13.84
C LEU D 204 8.93 -1.98 -13.01
N THR D 205 8.59 -0.82 -12.44
CA THR D 205 9.54 -0.13 -11.56
C THR D 205 10.15 -1.06 -10.51
N GLN D 206 9.29 -1.83 -9.79
CA GLN D 206 9.73 -2.65 -8.69
C GLN D 206 10.51 -3.87 -9.22
N SER D 207 9.96 -4.52 -10.26
CA SER D 207 10.55 -5.68 -10.90
C SER D 207 11.91 -5.34 -11.53
N ALA D 208 12.00 -4.22 -12.24
CA ALA D 208 13.26 -3.87 -12.87
C ALA D 208 14.27 -3.34 -11.84
N ALA D 209 13.83 -2.66 -10.76
CA ALA D 209 14.78 -2.29 -9.68
C ALA D 209 15.47 -3.58 -9.11
N LEU D 210 14.69 -4.60 -8.84
CA LEU D 210 15.20 -5.79 -8.25
C LEU D 210 16.17 -6.53 -9.20
N GLU D 211 15.74 -6.77 -10.44
CA GLU D 211 16.55 -7.40 -11.43
C GLU D 211 17.78 -6.62 -11.94
N LEU D 212 17.68 -5.31 -12.14
CA LEU D 212 18.81 -4.53 -12.72
C LEU D 212 19.83 -4.11 -11.64
N ALA D 213 19.43 -4.21 -10.36
CA ALA D 213 20.29 -3.84 -9.25
C ALA D 213 21.72 -4.47 -9.34
N PRO D 214 21.85 -5.79 -9.58
CA PRO D 214 23.21 -6.33 -9.68
C PRO D 214 24.04 -5.73 -10.83
N TYR D 215 23.41 -5.09 -11.80
CA TYR D 215 24.13 -4.37 -12.86
C TYR D 215 24.35 -2.87 -12.53
N GLY D 216 23.97 -2.43 -11.34
CA GLY D 216 24.15 -1.04 -10.94
C GLY D 216 23.18 -0.07 -11.58
N ILE D 217 22.09 -0.63 -12.12
CA ILE D 217 21.05 0.27 -12.64
C ILE D 217 19.93 0.37 -11.59
N ARG D 218 19.63 1.60 -11.20
CA ARG D 218 18.56 1.90 -10.22
C ARG D 218 17.33 2.29 -11.01
N VAL D 219 16.16 1.98 -10.47
CA VAL D 219 14.89 2.21 -11.18
C VAL D 219 13.91 2.73 -10.15
N ASN D 220 13.36 3.91 -10.42
CA ASN D 220 12.53 4.61 -9.47
C ASN D 220 11.41 5.30 -10.25
N GLY D 221 10.50 5.91 -9.53
CA GLY D 221 9.38 6.52 -10.18
C GLY D 221 9.07 7.88 -9.57
N VAL D 222 8.35 8.68 -10.33
CA VAL D 222 7.90 9.97 -9.81
C VAL D 222 6.44 9.96 -10.16
N ALA D 223 5.57 10.25 -9.19
CA ALA D 223 4.13 10.09 -9.36
C ALA D 223 3.44 11.45 -9.15
N PRO D 224 3.23 12.19 -10.23
CA PRO D 224 2.41 13.42 -10.10
C PRO D 224 0.98 13.16 -9.66
N GLY D 225 0.39 14.14 -8.99
CA GLY D 225 -1.07 14.15 -8.76
C GLY D 225 -1.65 15.00 -9.89
N VAL D 226 -2.13 16.20 -9.55
CA VAL D 226 -2.48 17.20 -10.58
C VAL D 226 -1.25 18.06 -10.92
N SER D 227 -0.84 17.98 -12.18
CA SER D 227 0.20 18.85 -12.72
C SER D 227 -0.45 19.62 -13.87
N LEU D 228 0.32 19.98 -14.91
CA LEU D 228 -0.25 20.70 -16.06
C LEU D 228 -1.48 19.92 -16.54
N LEU D 229 -2.63 20.60 -16.42
CA LEU D 229 -3.94 20.02 -16.79
C LEU D 229 -4.03 19.82 -18.33
N PRO D 230 -4.84 18.84 -18.82
CA PRO D 230 -4.91 18.61 -20.28
C PRO D 230 -5.34 19.88 -21.00
N VAL D 231 -4.63 20.16 -22.11
CA VAL D 231 -4.84 21.32 -23.04
C VAL D 231 -6.33 21.48 -23.40
N ALA D 232 -6.96 20.35 -23.72
CA ALA D 232 -8.38 20.21 -24.02
C ALA D 232 -9.30 20.78 -22.92
N MET D 233 -9.15 20.24 -21.71
CA MET D 233 -10.00 20.50 -20.53
C MET D 233 -10.29 22.00 -20.28
N GLY D 234 -11.51 22.35 -19.84
CA GLY D 234 -11.91 23.74 -19.58
C GLY D 234 -11.36 24.36 -18.29
N GLU D 235 -11.20 25.69 -18.28
CA GLU D 235 -10.75 26.47 -17.11
C GLU D 235 -11.60 26.25 -15.83
N GLU D 236 -12.92 26.02 -15.98
CA GLU D 236 -13.79 25.72 -14.81
C GLU D 236 -13.50 24.31 -14.23
N GLU D 237 -13.26 23.34 -15.11
CA GLU D 237 -12.81 22.00 -14.71
C GLU D 237 -11.44 22.08 -14.02
N LYS D 238 -10.54 22.90 -14.57
CA LYS D 238 -9.21 23.18 -14.01
C LYS D 238 -9.21 23.67 -12.55
N ASP D 239 -10.15 24.54 -12.19
CA ASP D 239 -10.24 25.03 -10.81
C ASP D 239 -10.90 24.07 -9.80
N LYS D 240 -11.79 23.18 -10.30
CA LYS D 240 -12.36 22.08 -9.49
C LYS D 240 -11.22 21.17 -8.95
N TRP D 241 -10.28 20.82 -9.85
CA TRP D 241 -9.06 20.07 -9.52
C TRP D 241 -8.06 20.84 -8.67
N ARG D 242 -7.86 22.13 -8.98
CA ARG D 242 -6.95 22.95 -8.20
C ARG D 242 -7.39 23.10 -6.73
N ARG D 243 -8.72 23.10 -6.52
CA ARG D 243 -9.36 23.29 -5.20
C ARG D 243 -9.18 22.14 -4.20
N LYS D 244 -8.97 20.94 -4.73
CA LYS D 244 -8.74 19.71 -3.98
C LYS D 244 -7.31 19.61 -3.40
N VAL D 245 -6.33 20.29 -4.00
CA VAL D 245 -4.94 20.14 -3.58
C VAL D 245 -4.67 20.78 -2.23
N PRO D 246 -4.43 19.94 -1.20
CA PRO D 246 -4.14 20.52 0.12
C PRO D 246 -3.01 21.57 0.09
N LEU D 247 -1.92 21.31 -0.64
CA LEU D 247 -0.77 22.18 -0.57
C LEU D 247 -0.86 23.30 -1.61
N GLY D 248 -1.54 24.38 -1.24
CA GLY D 248 -1.54 25.64 -1.97
C GLY D 248 -2.63 25.75 -3.00
N ARG D 249 -3.53 24.77 -3.07
CA ARG D 249 -4.73 24.81 -3.97
C ARG D 249 -4.38 25.04 -5.46
N ARG D 250 -3.25 24.47 -5.87
CA ARG D 250 -2.65 24.66 -7.18
C ARG D 250 -2.07 23.31 -7.63
N GLU D 251 -2.01 23.12 -8.97
CA GLU D 251 -1.27 22.01 -9.62
C GLU D 251 0.27 22.18 -9.57
N ALA D 252 1.01 21.07 -9.64
CA ALA D 252 2.47 21.14 -9.81
C ALA D 252 2.79 21.85 -11.14
N SER D 253 3.78 22.72 -11.13
CA SER D 253 4.48 23.09 -12.34
C SER D 253 5.21 21.81 -12.84
N ALA D 254 5.52 21.81 -14.15
CA ALA D 254 6.29 20.74 -14.74
C ALA D 254 7.71 20.67 -14.13
N GLU D 255 8.21 21.82 -13.69
CA GLU D 255 9.57 21.98 -13.14
C GLU D 255 9.64 21.25 -11.78
N GLN D 256 8.56 21.41 -11.01
CA GLN D 256 8.40 20.69 -9.73
C GLN D 256 8.49 19.16 -9.87
N ILE D 257 7.79 18.61 -10.88
CA ILE D 257 7.96 17.18 -11.27
C ILE D 257 9.40 16.84 -11.69
N ALA D 258 9.98 17.68 -12.56
CA ALA D 258 11.38 17.53 -12.95
C ALA D 258 12.40 17.53 -11.82
N ASP D 259 12.16 18.35 -10.82
CA ASP D 259 13.05 18.39 -9.64
C ASP D 259 13.23 17.00 -8.99
N ALA D 260 12.09 16.28 -8.92
CA ALA D 260 12.08 14.94 -8.35
C ALA D 260 12.84 13.94 -9.23
N VAL D 261 12.68 14.10 -10.55
CA VAL D 261 13.45 13.32 -11.48
C VAL D 261 14.94 13.56 -11.29
N ILE D 262 15.29 14.83 -11.22
CA ILE D 262 16.68 15.23 -10.95
C ILE D 262 17.26 14.64 -9.70
N PHE D 263 16.50 14.76 -8.61
CA PHE D 263 16.97 14.08 -7.40
C PHE D 263 17.27 12.60 -7.66
N LEU D 264 16.30 11.86 -8.26
CA LEU D 264 16.49 10.39 -8.37
C LEU D 264 17.63 9.91 -9.27
N VAL D 265 17.94 10.72 -10.29
CA VAL D 265 19.11 10.37 -11.13
C VAL D 265 20.47 10.74 -10.52
N SER D 266 20.49 11.72 -9.60
CA SER D 266 21.75 12.24 -9.00
C SER D 266 22.44 11.26 -8.01
N GLY D 267 23.67 11.63 -7.61
CA GLY D 267 24.46 10.90 -6.59
C GLY D 267 23.88 11.00 -5.17
N SER D 268 22.97 11.93 -4.95
CA SER D 268 22.23 11.96 -3.70
C SER D 268 21.17 10.87 -3.56
N ALA D 269 20.88 10.13 -4.66
CA ALA D 269 19.90 9.02 -4.59
C ALA D 269 20.53 7.68 -4.84
N GLN D 270 21.84 7.56 -4.63
CA GLN D 270 22.55 6.32 -4.99
C GLN D 270 22.20 5.06 -4.21
N TYR D 271 21.47 5.18 -3.11
CA TYR D 271 21.05 3.97 -2.39
C TYR D 271 19.51 3.72 -2.57
N ILE D 272 18.94 4.57 -3.39
CA ILE D 272 17.51 4.56 -3.68
C ILE D 272 17.19 3.74 -4.95
N THR D 273 16.46 2.64 -4.79
CA THR D 273 15.94 1.96 -5.97
C THR D 273 14.60 1.32 -5.60
N GLY D 274 13.68 1.24 -6.57
CA GLY D 274 12.32 0.73 -6.34
C GLY D 274 11.43 1.72 -5.60
N SER D 275 11.82 3.00 -5.55
CA SER D 275 10.99 3.97 -4.81
C SER D 275 10.19 4.79 -5.77
N ILE D 276 8.97 5.12 -5.37
CA ILE D 276 8.12 6.01 -6.13
C ILE D 276 7.77 7.23 -5.27
N ILE D 277 8.21 8.41 -5.70
CA ILE D 277 8.02 9.66 -4.97
C ILE D 277 6.76 10.33 -5.45
N LYS D 278 5.76 10.47 -4.60
CA LYS D 278 4.57 11.29 -4.97
C LYS D 278 4.97 12.75 -4.94
N VAL D 279 4.57 13.45 -5.99
CA VAL D 279 4.71 14.91 -6.05
C VAL D 279 3.28 15.44 -6.33
N ASP D 280 2.41 15.33 -5.39
CA ASP D 280 1.00 15.69 -5.54
C ASP D 280 0.44 16.68 -4.54
N GLY D 281 1.29 17.42 -3.77
CA GLY D 281 0.80 18.38 -2.75
C GLY D 281 -0.26 17.87 -1.79
N GLY D 282 -0.23 16.54 -1.57
CA GLY D 282 -1.09 15.92 -0.59
C GLY D 282 -2.41 15.43 -1.12
N LEU D 283 -2.61 15.47 -2.44
CA LEU D 283 -3.90 15.12 -3.07
C LEU D 283 -4.40 13.72 -2.79
N SER D 284 -3.46 12.76 -2.83
CA SER D 284 -3.82 11.35 -2.68
C SER D 284 -4.23 11.09 -1.23
N LEU D 285 -3.94 12.02 -0.33
CA LEU D 285 -4.32 11.86 1.08
C LEU D 285 -5.75 12.27 1.39
N VAL D 286 -6.42 12.90 0.42
CA VAL D 286 -7.75 13.53 0.62
C VAL D 286 -8.88 12.49 0.38
N HIS D 287 -9.68 12.23 1.42
CA HIS D 287 -10.77 11.27 1.28
C HIS D 287 -11.92 11.86 0.46
N ALA D 288 -12.80 10.99 -0.05
CA ALA D 288 -14.06 11.33 -0.76
C ALA D 288 -14.79 12.56 -0.23
PA NAP E . -18.04 2.95 18.65
O1A NAP E . -19.56 2.92 18.67
O2A NAP E . -17.42 4.29 18.48
O5B NAP E . -17.41 2.35 20.01
C5B NAP E . -17.59 0.95 20.23
C4B NAP E . -17.46 0.74 21.72
O4B NAP E . -16.13 1.02 22.12
C3B NAP E . -18.30 1.73 22.54
O3B NAP E . -19.72 1.40 22.56
C2B NAP E . -17.58 1.71 23.88
O2B NAP E . -18.21 0.88 24.85
C1B NAP E . -16.16 1.19 23.53
N9A NAP E . -15.12 2.14 24.08
C8A NAP E . -14.85 3.40 23.71
N7A NAP E . -13.87 3.94 24.51
C5A NAP E . -13.51 3.00 25.42
C6A NAP E . -12.55 2.88 26.57
N6A NAP E . -11.72 3.91 26.94
N1A NAP E . -12.51 1.71 27.25
C2A NAP E . -13.30 0.64 26.91
N3A NAP E . -14.19 0.69 25.88
C4A NAP E . -14.33 1.80 25.12
O3 NAP E . -17.53 1.82 17.60
PN NAP E . -18.43 1.37 16.33
O1N NAP E . -19.52 0.41 16.82
O2N NAP E . -18.84 2.63 15.63
O5D NAP E . -17.33 0.59 15.42
C5D NAP E . -16.69 -0.67 15.74
C4D NAP E . -15.26 -0.71 15.17
O4D NAP E . -15.25 -0.40 13.75
C3D NAP E . -14.35 0.34 15.82
O3D NAP E . -13.07 -0.23 16.17
C2D NAP E . -14.19 1.44 14.79
O2D NAP E . -12.96 2.21 14.95
C1D NAP E . -14.36 0.68 13.46
N1N NAP E . -14.94 1.58 12.48
C2N NAP E . -16.24 2.02 12.56
C3N NAP E . -16.74 2.92 11.61
C7N NAP E . -18.16 3.43 11.68
O7N NAP E . -18.73 3.85 10.67
N7N NAP E . -18.77 3.40 12.86
C4N NAP E . -15.92 3.37 10.58
C5N NAP E . -14.60 2.90 10.52
C6N NAP E . -14.13 2.01 11.48
P2B NAP E . -19.19 1.42 26.05
O1X NAP E . -19.19 0.21 26.98
O2X NAP E . -20.44 1.73 25.25
O3X NAP E . -18.57 2.66 26.65
CAN EUE F . -15.96 9.13 9.91
SAK EUE F . -16.93 7.78 10.50
OAL EUE F . -18.20 8.34 11.15
OAM EUE F . -17.40 6.84 9.35
CAC EUE F . -16.13 6.87 11.72
CAD EUE F . -16.81 6.56 12.92
CAE EUE F . -16.16 5.88 13.90
SAG EUE F . -16.71 5.37 15.47
CAH EUE F . -15.17 4.65 15.86
NAJ EUE F . -14.87 4.03 17.01
NAI EUE F . -14.33 4.81 14.82
CAF EUE F . -14.85 5.48 13.76
CAA EUE F . -14.22 5.77 12.60
CAB EUE F . -14.81 6.47 11.54
PA NAP G . -2.32 -22.12 -13.60
O1A NAP G . -2.60 -23.57 -13.28
O2A NAP G . -0.90 -21.63 -13.81
O5B NAP G . -3.15 -21.67 -14.92
C5B NAP G . -4.58 -21.72 -14.86
C4B NAP G . -5.23 -21.88 -16.23
O4B NAP G . -5.11 -20.69 -16.97
C3B NAP G . -4.55 -22.93 -17.11
O3B NAP G . -4.94 -24.25 -16.71
C2B NAP G . -4.94 -22.54 -18.53
O2B NAP G . -6.01 -23.32 -19.13
C1B NAP G . -5.26 -21.04 -18.35
N9A NAP G . -4.38 -20.35 -19.34
C8A NAP G . -3.02 -20.26 -19.38
N7A NAP G . -2.60 -19.64 -20.54
C5A NAP G . -3.73 -19.32 -21.26
C6A NAP G . -4.06 -18.65 -22.56
N6A NAP G . -3.08 -18.17 -23.36
N1A NAP G . -5.40 -18.53 -22.90
C2A NAP G . -6.41 -19.03 -22.11
N3A NAP G . -6.20 -19.63 -20.91
C4A NAP G . -4.90 -19.82 -20.47
O3 NAP G . -3.08 -21.23 -12.47
PN NAP G . -3.33 -21.82 -11.00
O1N NAP G . -4.41 -22.86 -11.18
O2N NAP G . -1.99 -22.24 -10.43
O5D NAP G . -3.80 -20.47 -10.24
C5D NAP G . -4.97 -19.73 -10.66
C4D NAP G . -4.84 -18.22 -10.43
O4D NAP G . -4.24 -17.91 -9.16
C3D NAP G . -3.98 -17.52 -11.47
O3D NAP G . -4.57 -16.26 -11.88
C2D NAP G . -2.64 -17.38 -10.75
O2D NAP G . -1.84 -16.30 -11.27
C1D NAP G . -3.04 -17.15 -9.31
N1N NAP G . -1.97 -17.53 -8.38
C2N NAP G . -1.64 -18.85 -8.19
C3N NAP G . -0.60 -19.19 -7.29
C7N NAP G . -0.22 -20.63 -7.06
O7N NAP G . 0.66 -20.91 -6.26
N7N NAP G . -0.82 -21.59 -7.78
C4N NAP G . 0.11 -18.14 -6.63
C5N NAP G . -0.24 -16.80 -6.85
C6N NAP G . -1.28 -16.50 -7.74
P2B NAP G . -5.85 -24.70 -20.02
O1X NAP G . -7.30 -25.00 -20.40
O2X NAP G . -5.17 -25.68 -19.11
O3X NAP G . -4.94 -24.43 -21.20
CAN EUE H . 4.90 -21.30 -7.81
SAK EUE H . 4.33 -19.70 -7.37
OAL EUE H . 3.80 -19.72 -5.89
OAM EUE H . 5.51 -18.74 -7.50
CAC EUE H . 3.14 -19.08 -8.54
CAD EUE H . 2.54 -19.97 -9.46
CAE EUE H . 1.67 -19.48 -10.36
SAG EUE H . 0.84 -20.30 -11.48
CAH EUE H . 0.02 -18.87 -12.13
NAJ EUE H . -0.84 -18.87 -13.16
NAI EUE H . 0.42 -17.82 -11.41
CAF EUE H . 1.32 -18.12 -10.41
CAA EUE H . 1.91 -17.27 -9.54
CAB EUE H . 2.85 -17.71 -8.58
PA NAP I . 19.36 4.93 16.77
O1A NAP I . 20.87 4.83 16.80
O2A NAP I . 18.57 3.65 16.93
O5B NAP I . 18.84 5.97 17.87
C5B NAP I . 18.58 7.29 17.46
C4B NAP I . 18.79 8.19 18.65
O4B NAP I . 17.53 8.44 19.23
C3B NAP I . 19.56 7.49 19.79
O3B NAP I . 20.98 7.36 19.57
C2B NAP I . 19.10 8.21 21.07
O2B NAP I . 19.85 9.33 21.60
C1B NAP I . 17.71 8.73 20.63
N9A NAP I . 16.82 8.01 21.55
C8A NAP I . 16.66 6.70 21.68
N7A NAP I . 15.82 6.38 22.69
C5A NAP I . 15.42 7.53 23.25
C6A NAP I . 14.53 7.94 24.37
N6A NAP I . 13.88 7.01 25.12
N1A NAP I . 14.43 9.28 24.63
C2A NAP I . 15.09 10.19 23.89
N3A NAP I . 15.90 9.91 22.85
C4A NAP I . 16.11 8.62 22.50
O3 NAP I . 19.03 5.74 15.39
PN NAP I . 19.82 5.45 14.00
O1N NAP I . 20.92 6.43 13.93
O2N NAP I . 20.11 3.98 13.99
O5D NAP I . 18.62 5.72 12.91
C5D NAP I . 17.73 6.84 12.97
C4D NAP I . 16.29 6.56 12.50
O4D NAP I . 16.12 5.78 11.29
C3D NAP I . 15.43 5.89 13.57
O3D NAP I . 14.19 6.60 13.78
C2D NAP I . 15.15 4.52 13.00
O2D NAP I . 13.92 3.96 13.49
C1D NAP I . 15.22 4.70 11.50
N1N NAP I . 15.78 3.47 10.89
C2N NAP I . 17.10 3.14 11.03
C3N NAP I . 17.58 1.95 10.46
C7N NAP I . 19.01 1.48 10.55
O7N NAP I . 19.29 0.41 10.03
N7N NAP I . 19.93 2.17 11.21
C4N NAP I . 16.68 1.15 9.77
C5N NAP I . 15.34 1.52 9.62
C6N NAP I . 14.89 2.70 10.20
P2B NAP I . 20.87 9.41 22.89
O1X NAP I . 21.00 10.88 23.10
O2X NAP I . 22.06 8.74 22.25
O3X NAP I . 20.36 8.63 24.06
CAN EUE J . 16.49 -4.26 11.61
SAK EUE J . 17.66 -2.94 11.47
OAL EUE J . 18.94 -3.39 12.18
OAM EUE J . 17.93 -2.60 9.98
CAC EUE J . 17.02 -1.52 12.30
CAD EUE J . 17.78 -0.80 13.20
CAE EUE J . 17.25 0.25 13.84
SAG EUE J . 17.91 1.27 14.91
CAH EUE J . 16.54 2.20 15.12
NAJ EUE J . 16.44 3.24 15.93
NAI EUE J . 15.56 1.73 14.36
CAF EUE J . 15.95 0.65 13.63
CAA EUE J . 15.22 -0.05 12.76
CAB EUE J . 15.70 -1.15 12.08
PA NAP K . 1.00 14.44 -21.71
O1A NAP K . 1.14 15.94 -22.00
O2A NAP K . -0.39 13.88 -21.75
O5B NAP K . 1.83 13.53 -22.73
C5B NAP K . 3.24 13.58 -22.81
C4B NAP K . 3.66 13.10 -24.19
O4B NAP K . 3.50 11.70 -24.38
C3B NAP K . 2.82 13.71 -25.32
O3B NAP K . 3.19 15.08 -25.47
C2B NAP K . 3.07 12.77 -26.50
O2B NAP K . 4.04 13.26 -27.47
C1B NAP K . 3.55 11.48 -25.80
N9A NAP K . 2.66 10.40 -26.31
C8A NAP K . 1.33 10.25 -26.11
N7A NAP K . 0.87 9.21 -26.83
C5A NAP K . 1.92 8.66 -27.50
C6A NAP K . 2.16 7.53 -28.47
N6A NAP K . 1.16 6.72 -28.88
N1A NAP K . 3.41 7.32 -28.94
C2A NAP K . 4.43 8.13 -28.56
N3A NAP K . 4.30 9.17 -27.71
C4A NAP K . 3.10 9.48 -27.17
O3 NAP K . 1.73 14.06 -20.32
PN NAP K . 2.09 15.15 -19.19
O1N NAP K . 3.28 15.97 -19.68
O2N NAP K . 0.79 15.80 -18.80
O5D NAP K . 2.68 14.20 -17.99
C5D NAP K . 3.89 13.42 -18.22
C4D NAP K . 3.86 12.15 -17.38
O4D NAP K . 3.34 12.41 -16.06
C3D NAP K . 2.94 11.09 -17.96
O3D NAP K . 3.50 9.78 -17.83
C2D NAP K . 1.69 11.13 -17.13
O2D NAP K . 0.91 9.91 -17.14
C1D NAP K . 2.19 11.59 -15.77
N1N NAP K . 1.15 12.33 -15.05
C2N NAP K . 0.73 13.56 -15.39
C3N NAP K . -0.27 14.21 -14.64
C7N NAP K . -0.73 15.60 -15.00
O7N NAP K . -1.38 16.27 -14.21
N7N NAP K . -0.35 16.06 -16.19
C4N NAP K . -0.84 13.55 -13.55
C5N NAP K . -0.39 12.26 -13.19
C6N NAP K . 0.60 11.69 -13.97
P2B NAP K . 3.77 14.15 -28.82
O1X NAP K . 5.12 14.15 -29.47
O2X NAP K . 3.21 15.41 -28.24
O3X NAP K . 2.76 13.50 -29.69
CAN EUE L . -5.66 16.33 -15.28
SAK EUE L . -5.24 14.80 -14.51
OAL EUE L . -4.56 15.13 -13.18
OAM EUE L . -6.51 13.97 -14.27
CAC EUE L . -4.19 13.84 -15.44
CAD EUE L . -3.64 14.26 -16.67
CAE EUE L . -2.82 13.41 -17.35
SAG EUE L . -2.06 13.62 -18.81
CAH EUE L . -1.29 11.99 -18.72
NAJ EUE L . -0.50 11.44 -19.61
NAI EUE L . -1.65 11.41 -17.59
CAF EUE L . -2.52 12.15 -16.84
CAA EUE L . -3.03 11.75 -15.65
CAB EUE L . -3.88 12.57 -14.93
#